data_9FIV
#
_entry.id   9FIV
#
_cell.length_a   74.615
_cell.length_b   67.83
_cell.length_c   78.636
_cell.angle_alpha   90
_cell.angle_beta   91.256
_cell.angle_gamma   90
#
_symmetry.space_group_name_H-M   'P 1 21 1'
#
loop_
_entity.id
_entity.type
_entity.pdbx_description
1 polymer 'Ubiquitin carboxyl-terminal hydrolase 7'
2 non-polymer 7-methyl-3-[[4-oxidanyl-1-[(3~{R},4~{R})-3-phenyl-1-[(5-pyridin-4-yl-1,3-thiazol-2-yl)methyl]piperidin-4-yl]carbonyl-piperidin-4-yl]methyl]pyrrolo[2,3-d]pyrimidin-4-one
3 water water
#
_entity_poly.entity_id   1
_entity_poly.type   'polypeptide(L)'
_entity_poly.pdbx_seq_one_letter_code
;GSKKHTGYVGLKNQGATCYMNSLLQTLFFTNQLRKAVYMMPTEGDDSSKSVPLALQRVFYELQHSDKPVGTKKLTKSFGW
ETLDSFMQHDVQELCRVLLDNVENKMKGTCVEGTIPKLFRGKMVSYIQCKEVDYRSDRREDYYDIQLSIKGKKNIFESFV
DYVAVEQLDGDNKYDAGEHGLQEAEKGVKFLTLPPVLHLQLMRAMYDPQTDQNIKINDRFEFPEQLPLDEFLQKTDPKDP
ANYILHAVLVHSGDNHGGHYVVYLNPKGDGKWCKFDDDVVSRCTKEEAIEHNYGGHDDDLSVRHCTNAYMLVYIRESKLS
EVLQAVTDHDIPQQLVERLQEEKRIEAQKRKERQE
;
_entity_poly.pdbx_strand_id   A,B
#
# COMPACT_ATOMS: atom_id res chain seq x y z
N GLY A 7 -7.12 -23.64 9.53
CA GLY A 7 -7.64 -22.27 9.79
C GLY A 7 -6.51 -21.28 10.07
N TYR A 8 -6.69 -20.46 11.11
CA TYR A 8 -5.61 -19.62 11.61
C TYR A 8 -4.80 -20.47 12.59
N VAL A 9 -3.48 -20.18 12.75
CA VAL A 9 -2.62 -21.07 13.53
C VAL A 9 -2.03 -20.34 14.74
N GLY A 10 -1.77 -21.14 15.79
CA GLY A 10 -1.38 -20.62 17.09
C GLY A 10 0.14 -20.53 17.30
N LEU A 11 0.50 -19.90 18.42
CA LEU A 11 1.85 -19.86 18.95
C LEU A 11 1.99 -20.79 20.15
N LYS A 12 3.16 -21.39 20.34
CA LYS A 12 3.31 -22.33 21.45
C LYS A 12 3.32 -21.59 22.80
N ASN A 13 2.69 -22.18 23.83
CA ASN A 13 3.06 -21.82 25.19
C ASN A 13 4.35 -22.56 25.54
N GLN A 14 5.50 -21.92 25.33
CA GLN A 14 6.77 -22.61 25.41
C GLN A 14 7.50 -22.33 26.71
N GLY A 15 6.98 -21.40 27.50
CA GLY A 15 7.40 -21.25 28.89
C GLY A 15 6.55 -20.21 29.60
N ALA A 16 7.08 -18.98 29.65
CA ALA A 16 6.51 -17.91 30.45
C ALA A 16 6.61 -16.59 29.71
N THR A 17 6.12 -16.55 28.45
CA THR A 17 6.15 -15.36 27.62
C THR A 17 5.00 -14.40 27.94
N CYS A 18 4.12 -14.76 28.88
CA CYS A 18 2.97 -13.96 29.29
C CYS A 18 2.20 -13.36 28.09
N TYR A 19 2.32 -12.04 27.90
CA TYR A 19 1.54 -11.31 26.91
C TYR A 19 2.10 -11.41 25.50
N MET A 20 3.26 -12.03 25.35
CA MET A 20 4.00 -11.93 24.11
C MET A 20 3.17 -12.52 22.99
N ASN A 21 2.71 -13.75 23.17
CA ASN A 21 1.93 -14.40 22.14
C ASN A 21 0.75 -13.57 21.68
N SER A 22 -0.03 -13.01 22.61
CA SER A 22 -1.17 -12.18 22.24
C SER A 22 -0.77 -10.95 21.39
N LEU A 23 0.34 -10.27 21.75
CA LEU A 23 0.83 -9.09 21.02
C LEU A 23 1.37 -9.47 19.64
N LEU A 24 2.04 -10.61 19.54
CA LEU A 24 2.52 -11.04 18.24
C LEU A 24 1.36 -11.22 17.25
N GLN A 25 0.27 -11.85 17.68
CA GLN A 25 -0.84 -12.20 16.79
C GLN A 25 -1.55 -10.93 16.36
N THR A 26 -1.79 -10.02 17.28
CA THR A 26 -2.32 -8.73 16.88
C THR A 26 -1.42 -8.10 15.81
N LEU A 27 -0.08 -8.21 15.97
CA LEU A 27 0.88 -7.59 15.06
C LEU A 27 0.87 -8.34 13.74
N PHE A 28 0.79 -9.65 13.82
CA PHE A 28 0.72 -10.48 12.63
C PHE A 28 -0.47 -10.04 11.78
N PHE A 29 -1.65 -9.88 12.38
CA PHE A 29 -2.87 -9.60 11.62
C PHE A 29 -3.05 -8.13 11.24
N THR A 30 -2.07 -7.28 11.55
CA THR A 30 -1.97 -5.93 11.01
C THR A 30 -1.29 -6.06 9.65
N ASN A 31 -2.05 -6.58 8.70
CA ASN A 31 -1.49 -7.11 7.45
C ASN A 31 -0.43 -6.18 6.87
N GLN A 32 -0.67 -4.88 6.90
CA GLN A 32 0.21 -4.00 6.18
C GLN A 32 1.59 -3.95 6.86
N LEU A 33 1.58 -4.10 8.19
CA LEU A 33 2.80 -4.12 8.96
C LEU A 33 3.58 -5.38 8.60
N ARG A 34 2.85 -6.49 8.50
CA ARG A 34 3.38 -7.78 8.14
C ARG A 34 4.09 -7.73 6.79
N LYS A 35 3.37 -7.26 5.76
CA LYS A 35 3.90 -7.20 4.41
C LYS A 35 5.18 -6.37 4.42
N ALA A 36 5.15 -5.27 5.18
CA ALA A 36 6.31 -4.41 5.32
C ALA A 36 7.47 -5.18 5.95
N VAL A 37 7.15 -6.03 6.93
CA VAL A 37 8.18 -6.71 7.69
C VAL A 37 8.88 -7.68 6.74
N TYR A 38 8.07 -8.33 5.90
CA TYR A 38 8.60 -9.27 4.92
C TYR A 38 9.57 -8.58 3.95
N MET A 39 9.34 -7.31 3.64
CA MET A 39 10.20 -6.60 2.70
C MET A 39 11.51 -6.14 3.35
N MET A 40 11.66 -6.26 4.68
CA MET A 40 12.91 -5.85 5.32
C MET A 40 14.04 -6.67 4.75
N PRO A 41 15.29 -6.11 4.62
CA PRO A 41 16.41 -6.84 4.03
C PRO A 41 17.32 -7.52 5.04
N THR A 42 16.91 -8.70 5.50
CA THR A 42 17.62 -9.42 6.54
C THR A 42 18.65 -10.37 5.93
N GLU A 43 18.74 -10.40 4.61
CA GLU A 43 19.59 -11.34 3.88
C GLU A 43 20.89 -11.58 4.65
N GLY A 44 21.55 -10.49 5.07
CA GLY A 44 22.87 -10.56 5.67
C GLY A 44 22.86 -10.46 7.20
N ASP A 45 21.68 -10.55 7.84
CA ASP A 45 21.54 -10.46 9.29
C ASP A 45 21.97 -11.75 9.97
N ASP A 46 22.64 -11.60 11.12
CA ASP A 46 23.05 -12.75 11.90
C ASP A 46 21.78 -13.49 12.31
N SER A 47 21.79 -14.78 12.02
CA SER A 47 20.64 -15.66 12.15
C SER A 47 19.99 -15.63 13.54
N SER A 48 20.73 -15.23 14.58
CA SER A 48 20.25 -15.44 15.94
C SER A 48 20.41 -14.21 16.82
N LYS A 49 21.12 -13.18 16.34
CA LYS A 49 21.20 -11.94 17.07
C LYS A 49 20.06 -11.01 16.65
N SER A 50 19.41 -11.28 15.51
CA SER A 50 18.64 -10.26 14.78
C SER A 50 17.14 -10.34 15.03
N VAL A 51 16.59 -9.32 15.69
CA VAL A 51 15.18 -9.31 15.99
C VAL A 51 14.41 -9.24 14.68
N PRO A 52 14.72 -8.31 13.76
CA PRO A 52 14.01 -8.27 12.48
C PRO A 52 13.82 -9.63 11.81
N LEU A 53 14.91 -10.40 11.72
CA LEU A 53 14.85 -11.73 11.16
C LEU A 53 13.87 -12.59 11.95
N ALA A 54 13.94 -12.48 13.27
CA ALA A 54 13.07 -13.27 14.14
C ALA A 54 11.59 -12.98 13.86
N LEU A 55 11.24 -11.69 13.69
CA LEU A 55 9.86 -11.31 13.44
C LEU A 55 9.40 -11.87 12.11
N GLN A 56 10.26 -11.83 11.09
CA GLN A 56 9.89 -12.35 9.78
C GLN A 56 9.63 -13.85 9.85
N ARG A 57 10.46 -14.59 10.58
CA ARG A 57 10.29 -16.02 10.74
C ARG A 57 8.95 -16.33 11.40
N VAL A 58 8.64 -15.63 12.49
CA VAL A 58 7.41 -15.90 13.22
C VAL A 58 6.22 -15.62 12.30
N PHE A 59 6.30 -14.48 11.59
CA PHE A 59 5.25 -14.05 10.70
C PHE A 59 5.11 -15.09 9.58
N TYR A 60 6.24 -15.55 9.05
CA TYR A 60 6.25 -16.54 7.98
C TYR A 60 5.54 -17.81 8.46
N GLU A 61 5.97 -18.30 9.62
CA GLU A 61 5.39 -19.51 10.18
C GLU A 61 3.90 -19.34 10.44
N LEU A 62 3.51 -18.19 11.03
CA LEU A 62 2.10 -17.94 11.32
C LEU A 62 1.32 -17.97 10.03
N GLN A 63 2.01 -17.71 8.92
CA GLN A 63 1.34 -17.72 7.62
C GLN A 63 1.26 -19.12 7.04
N HIS A 64 2.30 -19.93 7.26
CA HIS A 64 2.41 -21.18 6.52
C HIS A 64 2.23 -22.42 7.41
N SER A 65 2.59 -22.35 8.69
CA SER A 65 2.68 -23.54 9.50
C SER A 65 1.31 -24.19 9.71
N ASP A 66 1.28 -25.53 9.59
CA ASP A 66 0.16 -26.34 10.06
C ASP A 66 0.30 -26.63 11.56
N LYS A 67 1.50 -26.39 12.14
CA LYS A 67 1.71 -26.68 13.55
C LYS A 67 1.90 -25.40 14.36
N PRO A 68 1.59 -25.47 15.67
CA PRO A 68 1.89 -24.39 16.61
C PRO A 68 3.28 -23.80 16.38
N VAL A 69 3.41 -22.47 16.46
CA VAL A 69 4.64 -21.80 16.07
C VAL A 69 5.50 -21.46 17.27
N GLY A 70 6.81 -21.70 17.08
CA GLY A 70 7.78 -21.48 18.14
C GLY A 70 8.29 -20.05 18.13
N THR A 71 8.60 -19.53 19.32
CA THR A 71 9.00 -18.14 19.48
C THR A 71 10.34 -18.02 20.20
N LYS A 72 11.09 -19.11 20.40
CA LYS A 72 12.28 -19.11 21.22
C LYS A 72 13.35 -18.16 20.65
N LYS A 73 13.59 -18.23 19.34
CA LYS A 73 14.64 -17.41 18.75
C LYS A 73 14.27 -15.93 18.86
N LEU A 74 12.96 -15.65 18.89
CA LEU A 74 12.44 -14.30 19.03
C LEU A 74 12.72 -13.79 20.44
N THR A 75 12.32 -14.58 21.46
CA THR A 75 12.58 -14.27 22.87
C THR A 75 14.06 -13.98 23.06
N LYS A 76 14.90 -14.84 22.47
CA LYS A 76 16.34 -14.70 22.54
C LYS A 76 16.77 -13.42 21.83
N SER A 77 16.18 -13.14 20.67
CA SER A 77 16.73 -12.07 19.85
C SER A 77 16.67 -10.71 20.57
N PHE A 78 15.65 -10.45 21.41
CA PHE A 78 15.67 -9.21 22.17
C PHE A 78 15.96 -9.45 23.66
N GLY A 79 16.16 -10.71 24.07
CA GLY A 79 16.78 -11.01 25.37
C GLY A 79 15.84 -10.85 26.56
N TRP A 80 14.55 -11.20 26.40
CA TRP A 80 13.63 -11.35 27.51
C TRP A 80 13.41 -12.85 27.71
N GLU A 81 14.47 -13.55 28.13
CA GLU A 81 14.43 -14.99 28.21
C GLU A 81 13.83 -15.48 29.53
N THR A 82 13.55 -14.57 30.49
CA THR A 82 13.03 -14.94 31.80
C THR A 82 11.61 -14.40 31.92
N LEU A 83 10.98 -14.67 33.06
CA LEU A 83 9.65 -14.16 33.35
C LEU A 83 9.71 -12.73 33.87
N ASP A 84 10.74 -12.45 34.68
CA ASP A 84 10.91 -11.14 35.26
C ASP A 84 10.95 -10.10 34.14
N SER A 85 11.63 -10.45 33.04
CA SER A 85 11.63 -9.59 31.87
C SER A 85 10.22 -9.06 31.64
N PHE A 86 9.24 -9.96 31.44
CA PHE A 86 7.87 -9.57 31.13
C PHE A 86 7.20 -8.87 32.32
N MET A 87 7.51 -9.29 33.53
CA MET A 87 6.86 -8.74 34.71
C MET A 87 7.48 -7.39 35.05
N GLN A 88 8.62 -7.05 34.45
CA GLN A 88 9.22 -5.76 34.74
C GLN A 88 8.65 -4.67 33.82
N HIS A 89 7.86 -5.07 32.81
CA HIS A 89 7.62 -4.23 31.64
C HIS A 89 6.13 -4.09 31.34
N ASP A 90 5.76 -3.03 30.60
CA ASP A 90 4.38 -2.92 30.15
C ASP A 90 4.29 -3.49 28.74
N VAL A 91 3.06 -3.81 28.34
CA VAL A 91 2.81 -4.48 27.08
C VAL A 91 3.19 -3.55 25.93
N GLN A 92 3.13 -2.22 26.13
CA GLN A 92 3.43 -1.28 25.07
C GLN A 92 4.95 -1.14 24.93
N GLU A 93 5.64 -1.57 25.98
CA GLU A 93 7.08 -1.50 25.97
C GLU A 93 7.62 -2.67 25.17
N LEU A 94 6.95 -3.82 25.21
CA LEU A 94 7.32 -4.95 24.35
C LEU A 94 7.19 -4.51 22.89
N CYS A 95 6.05 -3.89 22.64
CA CYS A 95 5.67 -3.46 21.33
C CYS A 95 6.72 -2.51 20.78
N ARG A 96 7.11 -1.52 21.56
CA ARG A 96 8.15 -0.60 21.12
C ARG A 96 9.42 -1.39 20.81
N VAL A 97 9.82 -2.32 21.65
CA VAL A 97 11.04 -3.04 21.36
C VAL A 97 10.97 -3.71 19.99
N LEU A 98 9.83 -4.33 19.66
CA LEU A 98 9.66 -5.00 18.37
C LEU A 98 9.55 -3.97 17.25
N LEU A 99 8.60 -3.03 17.33
CA LEU A 99 8.41 -2.04 16.27
C LEU A 99 9.60 -1.08 16.20
N ASP A 100 10.34 -0.87 17.28
CA ASP A 100 11.49 0.01 17.19
C ASP A 100 12.54 -0.59 16.26
N ASN A 101 12.73 -1.90 16.41
CA ASN A 101 13.73 -2.63 15.65
C ASN A 101 13.34 -2.75 14.18
N VAL A 102 12.04 -2.77 13.91
CA VAL A 102 11.59 -2.91 12.55
C VAL A 102 11.49 -1.54 11.88
N GLU A 103 11.05 -0.50 12.58
CA GLU A 103 11.23 0.85 12.04
C GLU A 103 12.68 1.02 11.57
N ASN A 104 13.66 0.68 12.43
CA ASN A 104 15.04 0.93 12.12
C ASN A 104 15.46 0.19 10.86
N LYS A 105 15.15 -1.11 10.79
CA LYS A 105 15.65 -1.96 9.71
C LYS A 105 15.07 -1.52 8.37
N MET A 106 13.90 -0.89 8.39
CA MET A 106 13.22 -0.46 7.18
C MET A 106 13.79 0.86 6.65
N LYS A 107 14.73 1.49 7.37
CA LYS A 107 15.22 2.79 6.95
C LYS A 107 16.17 2.61 5.78
N GLY A 108 16.11 3.56 4.84
CA GLY A 108 16.82 3.48 3.58
C GLY A 108 16.24 2.41 2.65
N THR A 109 15.01 1.92 2.89
CA THR A 109 14.38 0.91 2.04
C THR A 109 13.05 1.45 1.51
N CYS A 110 12.41 0.65 0.65
CA CYS A 110 11.19 1.07 0.00
C CYS A 110 10.10 1.29 1.05
N VAL A 111 10.27 0.62 2.19
CA VAL A 111 9.17 0.46 3.12
C VAL A 111 9.40 1.29 4.37
N GLU A 112 10.43 2.14 4.30
CA GLU A 112 10.72 3.13 5.31
C GLU A 112 9.44 3.85 5.70
N GLY A 113 9.26 4.07 7.01
CA GLY A 113 8.21 4.94 7.51
C GLY A 113 6.84 4.26 7.63
N THR A 114 6.75 2.94 7.37
CA THR A 114 5.51 2.20 7.49
C THR A 114 5.01 2.16 8.93
N ILE A 115 5.94 2.07 9.87
CA ILE A 115 5.55 1.93 11.26
C ILE A 115 4.91 3.23 11.75
N PRO A 116 5.61 4.40 11.67
CA PRO A 116 4.97 5.68 11.91
C PRO A 116 3.67 5.87 11.13
N LYS A 117 3.71 5.54 9.84
CA LYS A 117 2.53 5.64 9.00
C LYS A 117 1.34 4.94 9.66
N LEU A 118 1.57 3.80 10.31
CA LEU A 118 0.47 3.00 10.85
C LEU A 118 0.10 3.35 12.28
N PHE A 119 1.08 3.69 13.12
CA PHE A 119 0.85 3.72 14.55
C PHE A 119 1.07 5.11 15.15
N ARG A 120 1.62 6.05 14.37
CA ARG A 120 2.01 7.33 14.96
C ARG A 120 0.88 8.35 14.84
N GLY A 121 0.52 8.97 15.98
CA GLY A 121 -0.38 10.11 16.03
C GLY A 121 0.34 11.27 16.72
N LYS A 122 -0.31 12.44 16.76
CA LYS A 122 0.30 13.58 17.42
C LYS A 122 -0.73 14.32 18.24
N MET A 123 -0.18 15.07 19.19
CA MET A 123 -0.78 15.46 20.45
C MET A 123 -0.17 16.83 20.79
N VAL A 124 -0.94 17.67 21.49
CA VAL A 124 -0.46 18.94 21.98
C VAL A 124 -0.68 18.98 23.49
N SER A 125 0.37 19.34 24.24
CA SER A 125 0.23 19.48 25.68
C SER A 125 0.56 20.91 26.07
N TYR A 126 -0.29 21.49 26.91
CA TYR A 126 -0.22 22.93 27.07
C TYR A 126 -0.39 23.25 28.54
N ILE A 127 0.23 24.37 28.91
CA ILE A 127 0.00 25.00 30.18
C ILE A 127 -0.38 26.43 29.87
N GLN A 128 -1.54 26.85 30.38
CA GLN A 128 -2.01 28.21 30.16
C GLN A 128 -2.20 28.89 31.52
N CYS A 129 -1.67 30.11 31.65
CA CYS A 129 -1.81 30.90 32.86
C CYS A 129 -3.17 31.62 32.89
N LYS A 130 -3.84 31.59 34.05
CA LYS A 130 -5.11 32.28 34.19
C LYS A 130 -4.95 33.78 33.90
N GLU A 131 -4.13 34.49 34.68
CA GLU A 131 -4.13 35.94 34.70
C GLU A 131 -2.83 36.55 34.20
N VAL A 132 -1.99 35.77 33.50
CA VAL A 132 -0.78 36.25 32.87
C VAL A 132 -0.75 35.73 31.44
N ASP A 133 -0.30 36.55 30.48
CA ASP A 133 -0.28 36.13 29.08
C ASP A 133 0.94 35.25 28.82
N TYR A 134 0.77 33.94 29.01
CA TYR A 134 1.89 33.02 28.94
C TYR A 134 1.38 31.60 28.78
N ARG A 135 1.93 30.93 27.77
CA ARG A 135 1.48 29.60 27.37
C ARG A 135 2.71 28.77 27.02
N SER A 136 2.62 27.46 27.35
CA SER A 136 3.66 26.50 27.00
C SER A 136 3.03 25.35 26.21
N ASP A 137 3.33 25.29 24.92
CA ASP A 137 2.78 24.30 24.02
C ASP A 137 3.89 23.34 23.58
N ARG A 138 3.61 22.04 23.65
CA ARG A 138 4.58 21.00 23.32
C ARG A 138 3.87 19.96 22.49
N ARG A 139 4.32 19.82 21.23
CA ARG A 139 3.75 18.84 20.31
C ARG A 139 4.48 17.52 20.54
N GLU A 140 3.76 16.43 20.82
CA GLU A 140 4.44 15.17 21.05
C GLU A 140 3.84 14.17 20.07
N ASP A 141 4.67 13.22 19.64
CA ASP A 141 4.17 12.02 18.99
C ASP A 141 3.76 10.99 20.04
N TYR A 142 2.96 10.02 19.58
CA TYR A 142 2.59 8.88 20.39
C TYR A 142 2.37 7.69 19.46
N TYR A 143 2.71 6.51 19.96
CA TYR A 143 2.49 5.28 19.22
C TYR A 143 1.32 4.53 19.83
N ASP A 144 0.86 4.96 21.01
CA ASP A 144 -0.14 4.21 21.73
C ASP A 144 -0.69 5.05 22.89
N ILE A 145 -1.80 4.64 23.48
CA ILE A 145 -2.44 5.43 24.52
C ILE A 145 -2.74 4.61 25.78
N GLN A 146 -2.49 5.25 26.91
CA GLN A 146 -2.66 4.65 28.23
C GLN A 146 -3.86 5.30 28.89
N LEU A 147 -5.01 4.62 28.90
CA LEU A 147 -6.23 5.16 29.46
C LEU A 147 -6.39 4.78 30.93
N SER A 148 -6.82 5.75 31.74
CA SER A 148 -7.25 5.50 33.11
C SER A 148 -8.62 4.82 33.07
N ILE A 149 -8.90 3.91 34.01
CA ILE A 149 -10.20 3.23 34.05
C ILE A 149 -10.87 3.34 35.42
N LYS A 150 -10.12 3.58 36.49
CA LYS A 150 -10.72 3.59 37.80
C LYS A 150 -11.71 4.74 37.89
N GLY A 151 -12.97 4.42 38.22
CA GLY A 151 -14.04 5.42 38.27
C GLY A 151 -14.53 5.79 36.88
N LYS A 152 -14.14 5.02 35.87
CA LYS A 152 -14.59 5.24 34.51
C LYS A 152 -15.36 4.01 34.08
N LYS A 153 -16.52 4.25 33.45
CA LYS A 153 -17.41 3.19 33.04
C LYS A 153 -17.04 2.67 31.65
N ASN A 154 -16.42 3.53 30.84
CA ASN A 154 -16.17 3.20 29.44
C ASN A 154 -14.99 3.97 28.83
N ILE A 155 -14.57 3.51 27.65
CA ILE A 155 -13.55 4.17 26.84
C ILE A 155 -13.85 5.67 26.77
N PHE A 156 -15.12 5.99 26.49
CA PHE A 156 -15.54 7.36 26.28
C PHE A 156 -15.13 8.23 27.48
N GLU A 157 -15.57 7.84 28.68
CA GLU A 157 -15.22 8.52 29.92
C GLU A 157 -13.71 8.65 30.09
N SER A 158 -12.95 7.64 29.64
CA SER A 158 -11.49 7.63 29.71
C SER A 158 -10.85 8.73 28.87
N PHE A 159 -11.31 8.87 27.63
CA PHE A 159 -10.84 9.95 26.78
C PHE A 159 -11.25 11.29 27.39
N VAL A 160 -12.47 11.34 27.92
CA VAL A 160 -12.96 12.56 28.54
C VAL A 160 -12.01 12.97 29.66
N ASP A 161 -11.58 11.99 30.47
CA ASP A 161 -10.69 12.23 31.59
C ASP A 161 -9.29 12.59 31.07
N TYR A 162 -8.89 11.97 29.95
CA TYR A 162 -7.59 12.18 29.35
C TYR A 162 -7.36 13.65 29.00
N VAL A 163 -8.35 14.29 28.34
CA VAL A 163 -8.27 15.68 27.90
C VAL A 163 -8.83 16.63 28.97
N ALA A 164 -9.20 16.08 30.13
CA ALA A 164 -9.63 16.87 31.27
C ALA A 164 -8.62 17.99 31.57
N VAL A 165 -9.15 19.19 31.81
CA VAL A 165 -8.31 20.33 32.11
C VAL A 165 -8.01 20.36 33.61
N GLU A 166 -6.83 19.88 33.98
CA GLU A 166 -6.34 19.98 35.35
C GLU A 166 -6.12 21.45 35.73
N GLN A 167 -6.20 21.71 37.03
CA GLN A 167 -6.03 23.04 37.57
C GLN A 167 -4.78 23.02 38.45
N LEU A 168 -3.95 24.07 38.32
CA LEU A 168 -2.74 24.20 39.11
C LEU A 168 -2.89 25.36 40.10
N ASP A 169 -3.15 25.03 41.37
CA ASP A 169 -3.66 25.98 42.35
C ASP A 169 -2.94 25.91 43.68
N GLY A 170 -2.73 27.07 44.29
CA GLY A 170 -2.11 27.20 45.60
C GLY A 170 -0.88 26.30 45.79
N ASP A 171 -1.01 25.29 46.66
CA ASP A 171 0.13 24.47 47.04
C ASP A 171 0.74 23.91 45.76
N ASN A 172 -0.07 23.87 44.69
CA ASN A 172 0.34 23.33 43.40
C ASN A 172 0.07 24.36 42.29
N LYS A 173 0.85 25.46 42.29
CA LYS A 173 0.83 26.46 41.23
C LYS A 173 2.00 26.19 40.29
N TYR A 174 1.96 26.81 39.11
CA TYR A 174 2.93 26.54 38.07
C TYR A 174 4.09 27.53 38.17
N ASP A 175 5.32 27.00 38.14
CA ASP A 175 6.49 27.86 38.05
C ASP A 175 6.56 28.41 36.64
N ALA A 176 5.94 29.60 36.47
CA ALA A 176 5.86 30.28 35.19
C ALA A 176 7.06 31.19 34.98
N GLY A 177 8.14 30.96 35.75
CA GLY A 177 9.45 31.53 35.47
C GLY A 177 9.53 33.02 35.76
N GLU A 178 9.72 33.81 34.69
CA GLU A 178 9.80 35.26 34.71
C GLU A 178 8.59 35.90 35.40
N HIS A 179 7.42 35.25 35.37
CA HIS A 179 6.21 35.77 36.00
C HIS A 179 5.97 35.23 37.42
N GLY A 180 6.93 34.48 37.98
CA GLY A 180 6.74 33.90 39.31
C GLY A 180 5.74 32.74 39.29
N LEU A 181 5.49 32.13 40.45
CA LEU A 181 4.49 31.09 40.57
C LEU A 181 3.12 31.65 40.18
N GLN A 182 2.40 30.94 39.31
CA GLN A 182 1.13 31.43 38.79
C GLN A 182 0.15 30.27 38.73
N GLU A 183 -1.12 30.64 38.71
CA GLU A 183 -2.19 29.68 38.59
C GLU A 183 -2.39 29.43 37.10
N ALA A 184 -2.69 28.18 36.76
CA ALA A 184 -2.77 27.81 35.36
C ALA A 184 -3.60 26.54 35.24
N GLU A 185 -3.96 26.18 34.00
CA GLU A 185 -4.62 24.91 33.76
C GLU A 185 -3.89 24.16 32.65
N LYS A 186 -3.46 22.92 32.94
CA LYS A 186 -2.76 22.10 31.97
C LYS A 186 -3.69 21.04 31.41
N GLY A 187 -3.68 20.92 30.09
CA GLY A 187 -4.50 19.93 29.42
C GLY A 187 -3.73 19.23 28.31
N VAL A 188 -4.40 18.26 27.67
CA VAL A 188 -3.84 17.56 26.52
C VAL A 188 -4.88 17.59 25.42
N LYS A 189 -4.43 17.58 24.16
CA LYS A 189 -5.39 17.42 23.06
C LYS A 189 -4.78 16.76 21.82
N PHE A 190 -5.66 16.06 21.10
CA PHE A 190 -5.28 15.20 19.99
C PHE A 190 -5.31 16.00 18.70
N LEU A 191 -4.30 15.81 17.84
CA LEU A 191 -4.31 16.41 16.52
C LEU A 191 -4.57 15.35 15.46
N THR A 192 -3.77 14.30 15.51
CA THR A 192 -4.12 13.16 14.69
C THR A 192 -4.37 12.00 15.61
N LEU A 193 -5.13 11.05 15.05
CA LEU A 193 -5.26 9.72 15.58
C LEU A 193 -4.79 8.78 14.49
N PRO A 194 -4.01 7.74 14.81
CA PRO A 194 -3.31 6.97 13.79
C PRO A 194 -4.25 5.97 13.16
N PRO A 195 -3.84 5.38 12.04
CA PRO A 195 -4.63 4.32 11.41
C PRO A 195 -4.82 3.13 12.35
N VAL A 196 -3.79 2.79 13.11
CA VAL A 196 -3.96 1.77 14.13
C VAL A 196 -3.84 2.40 15.52
N LEU A 197 -4.86 2.16 16.34
CA LEU A 197 -4.94 2.74 17.68
C LEU A 197 -4.74 1.63 18.70
N HIS A 198 -3.69 1.76 19.49
CA HIS A 198 -3.39 0.80 20.52
C HIS A 198 -3.74 1.54 21.80
N LEU A 199 -4.74 1.04 22.52
CA LEU A 199 -5.17 1.63 23.77
C LEU A 199 -4.93 0.57 24.83
N GLN A 200 -4.16 0.97 25.86
CA GLN A 200 -3.89 0.11 26.98
C GLN A 200 -4.76 0.60 28.12
N LEU A 201 -5.27 -0.31 28.94
CA LEU A 201 -6.14 0.09 30.03
C LEU A 201 -5.37 -0.09 31.33
N MET A 202 -5.25 0.96 32.13
CA MET A 202 -4.34 0.92 33.26
C MET A 202 -4.99 0.20 34.44
N ARG A 203 -4.97 -1.15 34.38
CA ARG A 203 -5.58 -1.99 35.40
C ARG A 203 -4.59 -2.36 36.52
N ALA A 204 -3.36 -1.83 36.47
CA ALA A 204 -2.32 -2.19 37.42
C ALA A 204 -2.04 -0.97 38.27
N MET A 205 -1.59 -1.19 39.52
CA MET A 205 -1.73 -0.30 40.67
C MET A 205 -1.31 -0.99 42.00
N ILE A 214 -0.56 -6.27 41.38
CA ILE A 214 -2.01 -5.92 41.44
C ILE A 214 -2.65 -6.15 40.07
N LYS A 215 -3.97 -6.04 40.07
CA LYS A 215 -4.78 -5.96 38.87
C LYS A 215 -6.19 -5.59 39.30
N ILE A 216 -6.52 -4.30 39.21
CA ILE A 216 -7.89 -3.82 39.33
C ILE A 216 -8.81 -4.62 38.40
N ASN A 217 -9.89 -5.23 38.93
CA ASN A 217 -10.79 -6.02 38.10
C ASN A 217 -12.09 -5.29 37.76
N ASP A 218 -12.12 -3.98 38.02
CA ASP A 218 -13.34 -3.19 37.88
C ASP A 218 -13.88 -3.26 36.46
N ARG A 219 -15.20 -3.10 36.36
CA ARG A 219 -15.88 -3.17 35.09
C ARG A 219 -15.44 -2.00 34.21
N PHE A 220 -15.13 -2.29 32.95
CA PHE A 220 -14.73 -1.25 32.01
C PHE A 220 -15.22 -1.61 30.62
N GLU A 221 -16.09 -0.77 30.07
CA GLU A 221 -16.86 -1.14 28.89
C GLU A 221 -16.17 -0.57 27.65
N PHE A 222 -16.28 -1.27 26.51
CA PHE A 222 -15.72 -0.73 25.28
C PHE A 222 -16.56 -1.21 24.10
N PRO A 223 -16.77 -0.33 23.09
CA PRO A 223 -17.59 -0.66 21.94
C PRO A 223 -16.84 -1.23 20.75
N GLU A 224 -17.61 -1.96 19.95
CA GLU A 224 -17.23 -2.34 18.60
C GLU A 224 -16.95 -1.08 17.78
N GLN A 225 -17.82 -0.06 17.84
CA GLN A 225 -17.57 1.14 17.03
C GLN A 225 -17.32 2.31 17.98
N LEU A 226 -16.22 3.01 17.73
CA LEU A 226 -15.75 4.05 18.63
C LEU A 226 -15.56 5.35 17.86
N PRO A 227 -16.46 6.34 18.04
CA PRO A 227 -16.34 7.64 17.37
C PRO A 227 -15.40 8.56 18.15
N LEU A 228 -14.35 9.06 17.49
CA LEU A 228 -13.36 9.85 18.19
C LEU A 228 -13.27 11.27 17.62
N ASP A 229 -14.09 11.62 16.62
CA ASP A 229 -14.07 12.97 16.06
C ASP A 229 -14.07 14.02 17.19
N GLU A 230 -14.89 13.81 18.24
CA GLU A 230 -15.16 14.85 19.21
C GLU A 230 -13.99 15.05 20.18
N PHE A 231 -12.85 14.38 19.96
CA PHE A 231 -11.70 14.60 20.84
C PHE A 231 -10.55 15.28 20.10
N LEU A 232 -10.66 15.37 18.78
CA LEU A 232 -9.70 16.07 17.95
C LEU A 232 -9.94 17.56 18.08
N GLN A 233 -8.98 18.35 17.60
CA GLN A 233 -9.16 19.79 17.49
C GLN A 233 -9.95 20.08 16.22
N LYS A 234 -9.38 19.70 15.08
CA LYS A 234 -10.03 19.91 13.81
C LYS A 234 -10.55 18.58 13.31
N THR A 235 -11.85 18.52 13.02
CA THR A 235 -12.41 17.32 12.42
C THR A 235 -12.28 17.47 10.91
N ASP A 236 -12.30 16.33 10.21
CA ASP A 236 -12.25 16.33 8.75
C ASP A 236 -13.54 15.70 8.25
N PRO A 237 -14.42 16.47 7.56
CA PRO A 237 -15.66 15.88 7.04
C PRO A 237 -15.36 14.78 6.03
N LYS A 238 -14.24 14.91 5.30
CA LYS A 238 -13.78 13.89 4.35
C LYS A 238 -13.60 12.57 5.07
N ASP A 239 -12.78 12.59 6.15
CA ASP A 239 -12.33 11.39 6.84
C ASP A 239 -12.61 11.47 8.34
N PRO A 240 -13.73 10.87 8.83
CA PRO A 240 -14.09 10.97 10.25
C PRO A 240 -13.28 9.95 11.03
N ALA A 241 -13.18 10.19 12.34
CA ALA A 241 -12.38 9.33 13.22
C ALA A 241 -13.26 8.23 13.82
N ASN A 242 -13.75 7.31 12.98
CA ASN A 242 -14.53 6.17 13.47
C ASN A 242 -13.66 4.91 13.53
N TYR A 243 -13.70 4.25 14.69
CA TYR A 243 -12.74 3.20 14.96
C TYR A 243 -13.45 1.84 15.05
N ILE A 244 -12.95 0.89 14.24
CA ILE A 244 -13.42 -0.48 14.19
C ILE A 244 -12.51 -1.33 15.09
N LEU A 245 -13.12 -1.87 16.16
CA LEU A 245 -12.47 -2.76 17.10
C LEU A 245 -11.90 -3.98 16.37
N HIS A 246 -10.59 -4.20 16.52
CA HIS A 246 -9.90 -5.32 15.91
C HIS A 246 -9.47 -6.40 16.91
N ALA A 247 -8.88 -6.02 18.05
CA ALA A 247 -8.31 -7.03 18.93
C ALA A 247 -8.59 -6.65 20.38
N VAL A 248 -8.72 -7.70 21.22
CA VAL A 248 -8.88 -7.56 22.66
C VAL A 248 -7.83 -8.44 23.33
N LEU A 249 -6.84 -7.80 23.97
CA LEU A 249 -5.82 -8.48 24.77
C LEU A 249 -6.38 -8.68 26.19
N VAL A 250 -6.29 -9.91 26.69
CA VAL A 250 -7.04 -10.31 27.86
C VAL A 250 -6.11 -11.02 28.82
N HIS A 251 -6.38 -10.76 30.10
CA HIS A 251 -5.71 -11.44 31.18
C HIS A 251 -6.74 -11.99 32.16
N SER A 252 -6.41 -13.09 32.79
CA SER A 252 -7.21 -13.47 33.92
C SER A 252 -6.28 -14.06 34.95
N GLY A 253 -6.70 -13.89 36.22
CA GLY A 253 -6.07 -14.51 37.36
C GLY A 253 -5.46 -13.45 38.25
N ASP A 254 -4.43 -13.87 39.00
CA ASP A 254 -3.75 -13.06 39.97
C ASP A 254 -2.25 -13.32 39.84
N ASN A 255 -1.51 -12.86 40.86
CA ASN A 255 -0.06 -12.89 40.84
C ASN A 255 0.51 -14.30 40.95
N HIS A 256 -0.31 -15.26 41.42
CA HIS A 256 0.14 -16.62 41.65
C HIS A 256 -0.08 -17.44 40.38
N GLY A 257 -1.29 -17.35 39.83
CA GLY A 257 -1.61 -17.93 38.54
C GLY A 257 -2.38 -16.93 37.69
N GLY A 258 -1.86 -16.62 36.50
CA GLY A 258 -2.59 -15.80 35.55
C GLY A 258 -2.32 -16.32 34.15
N HIS A 259 -3.25 -16.05 33.23
CA HIS A 259 -3.15 -16.52 31.86
C HIS A 259 -3.52 -15.38 30.89
N TYR A 260 -2.84 -15.34 29.74
CA TYR A 260 -3.01 -14.30 28.73
C TYR A 260 -3.58 -14.85 27.41
N VAL A 261 -4.50 -14.11 26.79
CA VAL A 261 -5.23 -14.57 25.63
C VAL A 261 -5.69 -13.37 24.82
N VAL A 262 -6.00 -13.57 23.54
CA VAL A 262 -6.38 -12.47 22.67
C VAL A 262 -7.48 -12.89 21.69
N TYR A 263 -8.45 -12.00 21.53
CA TYR A 263 -9.52 -12.16 20.58
C TYR A 263 -9.18 -11.27 19.39
N LEU A 264 -9.49 -11.80 18.22
CA LEU A 264 -9.27 -11.07 17.00
C LEU A 264 -10.44 -11.39 16.10
N ASN A 265 -10.85 -10.39 15.33
CA ASN A 265 -11.58 -10.57 14.10
C ASN A 265 -10.62 -10.03 13.05
N PRO A 266 -9.69 -10.87 12.56
CA PRO A 266 -8.57 -10.37 11.76
C PRO A 266 -8.95 -9.54 10.54
N LYS A 267 -10.12 -9.85 9.96
CA LYS A 267 -10.59 -9.18 8.75
C LYS A 267 -11.59 -8.07 9.06
N GLY A 268 -11.69 -7.66 10.32
CA GLY A 268 -12.45 -6.46 10.66
C GLY A 268 -13.94 -6.60 10.35
N ASP A 269 -14.41 -7.83 10.09
CA ASP A 269 -15.75 -8.05 9.57
C ASP A 269 -16.68 -8.63 10.63
N GLY A 270 -16.29 -8.58 11.91
CA GLY A 270 -17.14 -9.04 13.00
C GLY A 270 -16.99 -10.53 13.34
N LYS A 271 -16.10 -11.26 12.65
CA LYS A 271 -15.96 -12.70 12.83
C LYS A 271 -14.78 -13.06 13.75
N TRP A 272 -15.09 -13.27 15.03
CA TRP A 272 -14.07 -13.37 16.05
C TRP A 272 -13.54 -14.80 16.22
N CYS A 273 -12.25 -14.86 16.56
CA CYS A 273 -11.58 -16.07 16.99
C CYS A 273 -10.85 -15.82 18.30
N LYS A 274 -10.68 -16.90 19.05
CA LYS A 274 -9.94 -16.83 20.29
C LYS A 274 -8.59 -17.50 20.07
N PHE A 275 -7.52 -16.77 20.37
CA PHE A 275 -6.15 -17.22 20.27
C PHE A 275 -5.63 -17.48 21.67
N ASP A 276 -5.54 -18.78 22.00
CA ASP A 276 -5.12 -19.26 23.30
C ASP A 276 -3.88 -20.09 23.05
N ASP A 277 -2.77 -19.38 22.83
CA ASP A 277 -1.52 -19.97 22.41
C ASP A 277 -1.77 -20.84 21.18
N ASP A 278 -1.67 -22.17 21.33
CA ASP A 278 -1.59 -23.03 20.16
C ASP A 278 -2.97 -23.41 19.67
N VAL A 279 -3.99 -23.10 20.48
CA VAL A 279 -5.39 -23.35 20.15
C VAL A 279 -6.05 -22.06 19.70
N VAL A 280 -6.49 -22.06 18.44
CA VAL A 280 -7.28 -20.99 17.87
C VAL A 280 -8.63 -21.55 17.52
N SER A 281 -9.68 -20.84 17.93
CA SER A 281 -11.04 -21.35 17.89
C SER A 281 -12.00 -20.20 17.60
N ARG A 282 -13.06 -20.55 16.86
CA ARG A 282 -14.16 -19.64 16.61
C ARG A 282 -14.79 -19.23 17.94
N CYS A 283 -15.24 -17.99 18.08
CA CYS A 283 -15.91 -17.60 19.30
C CYS A 283 -16.96 -16.56 18.94
N THR A 284 -17.78 -16.18 19.93
CA THR A 284 -18.84 -15.23 19.68
C THR A 284 -18.30 -13.82 19.86
N LYS A 285 -19.01 -12.85 19.29
CA LYS A 285 -18.76 -11.45 19.56
C LYS A 285 -18.84 -11.20 21.06
N GLU A 286 -19.86 -11.78 21.67
CA GLU A 286 -20.09 -11.63 23.10
C GLU A 286 -18.86 -12.12 23.86
N GLU A 287 -18.31 -13.28 23.46
CA GLU A 287 -17.17 -13.83 24.17
C GLU A 287 -15.99 -12.86 24.03
N ALA A 288 -15.86 -12.22 22.87
CA ALA A 288 -14.74 -11.34 22.56
C ALA A 288 -14.88 -10.01 23.27
N ILE A 289 -16.11 -9.50 23.40
CA ILE A 289 -16.33 -8.12 23.84
C ILE A 289 -16.91 -8.05 25.25
N GLU A 290 -18.23 -8.20 25.38
CA GLU A 290 -18.89 -7.90 26.65
C GLU A 290 -18.26 -8.73 27.77
N HIS A 291 -17.88 -9.98 27.46
CA HIS A 291 -17.35 -10.89 28.46
C HIS A 291 -15.99 -10.43 28.99
N ASN A 292 -15.40 -9.35 28.41
CA ASN A 292 -14.08 -8.88 28.80
C ASN A 292 -14.12 -7.49 29.44
N TYR A 293 -15.34 -7.04 29.73
CA TYR A 293 -15.55 -5.80 30.44
C TYR A 293 -15.04 -5.93 31.87
N GLY A 294 -15.11 -7.14 32.45
CA GLY A 294 -14.71 -7.36 33.82
C GLY A 294 -15.84 -7.04 34.78
N GLY A 295 -15.62 -7.36 36.06
CA GLY A 295 -16.68 -7.32 37.05
C GLY A 295 -16.43 -8.34 38.14
N CYS A 305 -10.23 -13.40 37.77
CA CYS A 305 -11.22 -12.55 37.05
C CYS A 305 -10.61 -12.11 35.72
N THR A 306 -11.37 -12.30 34.62
CA THR A 306 -10.86 -12.35 33.25
C THR A 306 -11.29 -11.16 32.38
N ASN A 307 -10.35 -10.22 32.09
CA ASN A 307 -10.72 -8.91 31.54
C ASN A 307 -9.61 -8.30 30.70
N ALA A 308 -10.04 -7.29 29.91
CA ALA A 308 -9.21 -6.65 28.89
C ALA A 308 -8.14 -5.77 29.52
N TYR A 309 -6.92 -5.74 28.94
CA TYR A 309 -5.92 -4.77 29.37
C TYR A 309 -5.39 -3.96 28.19
N MET A 310 -5.69 -4.37 26.96
CA MET A 310 -5.29 -3.58 25.80
C MET A 310 -6.26 -3.91 24.66
N LEU A 311 -6.60 -2.89 23.87
CA LEU A 311 -7.51 -3.08 22.76
C LEU A 311 -6.88 -2.40 21.57
N VAL A 312 -7.08 -2.99 20.40
CA VAL A 312 -6.62 -2.39 19.19
C VAL A 312 -7.80 -1.97 18.33
N TYR A 313 -7.77 -0.72 17.87
CA TYR A 313 -8.76 -0.23 16.93
C TYR A 313 -8.14 0.19 15.61
N ILE A 314 -8.91 0.00 14.52
CA ILE A 314 -8.52 0.55 13.24
C ILE A 314 -9.54 1.57 12.74
N ARG A 315 -9.02 2.62 12.13
CA ARG A 315 -9.85 3.65 11.54
C ARG A 315 -10.61 3.05 10.35
N GLU A 316 -11.92 3.28 10.33
CA GLU A 316 -12.80 2.69 9.34
C GLU A 316 -12.29 2.95 7.93
N SER A 317 -11.77 4.16 7.71
CA SER A 317 -11.39 4.60 6.37
C SER A 317 -10.11 3.92 5.89
N LYS A 318 -9.30 3.38 6.82
CA LYS A 318 -8.05 2.74 6.43
C LYS A 318 -8.15 1.22 6.61
N LEU A 319 -9.36 0.75 6.96
CA LEU A 319 -9.64 -0.65 7.25
C LEU A 319 -8.99 -1.55 6.23
N SER A 320 -9.27 -1.28 4.96
CA SER A 320 -8.94 -2.23 3.89
C SER A 320 -7.48 -2.10 3.47
N GLU A 321 -6.89 -0.95 3.80
CA GLU A 321 -5.49 -0.72 3.48
C GLU A 321 -4.67 -1.50 4.49
N VAL A 322 -4.90 -1.21 5.77
CA VAL A 322 -4.23 -1.89 6.86
C VAL A 322 -4.38 -3.39 6.66
N LEU A 323 -5.62 -3.87 6.44
CA LEU A 323 -5.94 -5.29 6.36
C LEU A 323 -6.01 -5.76 4.90
N GLN A 324 -5.16 -5.18 4.04
CA GLN A 324 -5.01 -5.68 2.67
C GLN A 324 -4.65 -7.15 2.72
N ALA A 325 -5.21 -7.96 1.82
CA ALA A 325 -4.98 -9.39 1.84
C ALA A 325 -3.54 -9.70 1.46
N VAL A 326 -3.07 -10.81 2.00
CA VAL A 326 -1.67 -11.18 1.93
C VAL A 326 -1.60 -12.55 1.25
N THR A 327 -0.69 -12.69 0.29
CA THR A 327 -0.49 -13.94 -0.42
C THR A 327 0.88 -14.47 -0.04
N ASP A 328 1.15 -15.72 -0.43
CA ASP A 328 2.44 -16.34 -0.24
C ASP A 328 3.46 -15.69 -1.19
N HIS A 329 2.97 -15.03 -2.25
CA HIS A 329 3.82 -14.32 -3.20
C HIS A 329 4.34 -13.00 -2.65
N ASP A 330 3.73 -12.47 -1.58
CA ASP A 330 4.16 -11.22 -0.95
C ASP A 330 5.47 -11.41 -0.19
N ILE A 331 5.89 -12.66 0.02
CA ILE A 331 7.14 -12.98 0.70
C ILE A 331 8.26 -13.18 -0.32
N PRO A 332 9.30 -12.32 -0.30
CA PRO A 332 10.47 -12.49 -1.14
C PRO A 332 11.07 -13.89 -1.03
N GLN A 333 11.32 -14.50 -2.19
CA GLN A 333 12.01 -15.77 -2.33
C GLN A 333 13.28 -15.84 -1.48
N GLN A 334 14.12 -14.80 -1.59
CA GLN A 334 15.39 -14.78 -0.88
C GLN A 334 15.19 -15.28 0.55
N LEU A 335 14.18 -14.70 1.22
CA LEU A 335 13.79 -14.99 2.59
C LEU A 335 13.25 -16.43 2.70
N VAL A 336 12.35 -16.80 1.79
CA VAL A 336 11.77 -18.13 1.78
C VAL A 336 12.90 -19.15 1.98
N GLU A 337 13.81 -19.23 1.01
CA GLU A 337 14.88 -20.21 1.03
C GLU A 337 15.56 -20.28 2.38
N ARG A 338 16.03 -19.11 2.83
CA ARG A 338 16.70 -18.98 4.12
C ARG A 338 15.97 -19.75 5.22
N LEU A 339 14.64 -19.63 5.27
CA LEU A 339 13.86 -20.28 6.34
C LEU A 339 13.65 -21.77 6.06
N GLN A 340 13.29 -22.07 4.76
CA GLN A 340 13.10 -23.39 4.10
C GLN A 340 14.29 -24.24 4.48
N GLU A 341 15.42 -23.59 4.25
CA GLU A 341 16.68 -24.21 4.49
C GLU A 341 16.82 -24.46 5.99
N GLU A 342 16.74 -23.37 6.76
CA GLU A 342 16.89 -23.39 8.21
C GLU A 342 16.14 -24.57 8.82
N LYS A 343 14.85 -24.69 8.46
CA LYS A 343 14.02 -25.78 8.94
C LYS A 343 14.71 -27.11 8.68
N ARG A 344 15.03 -27.38 7.41
CA ARG A 344 15.66 -28.64 6.99
C ARG A 344 16.71 -29.09 7.99
N ILE A 345 17.63 -28.17 8.34
CA ILE A 345 18.76 -28.50 9.19
C ILE A 345 18.24 -29.02 10.54
N GLU A 346 17.01 -28.66 10.92
CA GLU A 346 16.39 -29.23 12.12
C GLU A 346 16.75 -30.71 12.26
N ALA A 347 16.70 -31.44 11.13
CA ALA A 347 17.00 -32.87 11.11
C ALA A 347 17.84 -33.26 12.32
N GLN A 348 17.17 -33.84 13.33
CA GLN A 348 17.83 -34.33 14.53
C GLN A 348 17.37 -35.75 14.82
N LYS A 349 18.31 -36.62 15.22
CA LYS A 349 18.00 -37.99 15.61
C LYS A 349 17.33 -37.97 17.01
N THR B 6 -12.84 17.87 -7.78
CA THR B 6 -12.23 16.53 -7.98
C THR B 6 -11.22 16.25 -6.87
N GLY B 7 -10.44 17.29 -6.50
CA GLY B 7 -9.27 17.16 -5.65
C GLY B 7 -7.99 17.04 -6.49
N TYR B 8 -8.15 17.00 -7.82
CA TYR B 8 -7.11 16.59 -8.75
C TYR B 8 -6.91 17.67 -9.81
N VAL B 9 -5.66 17.86 -10.28
CA VAL B 9 -5.31 18.98 -11.15
C VAL B 9 -4.88 18.53 -12.55
N GLY B 10 -4.95 19.49 -13.49
CA GLY B 10 -4.68 19.26 -14.90
C GLY B 10 -3.23 19.56 -15.29
N LEU B 11 -2.90 19.13 -16.52
CA LEU B 11 -1.67 19.49 -17.23
C LEU B 11 -1.96 20.50 -18.33
N LYS B 12 -1.04 21.42 -18.58
CA LYS B 12 -1.27 22.49 -19.55
C LYS B 12 -1.38 21.93 -20.97
N ASN B 13 -2.37 22.43 -21.73
CA ASN B 13 -2.54 21.92 -23.07
C ASN B 13 -1.42 22.44 -23.95
N GLN B 14 -0.45 21.57 -24.23
CA GLN B 14 0.48 21.77 -25.34
C GLN B 14 0.17 20.64 -26.33
N GLY B 15 -0.66 20.96 -27.32
CA GLY B 15 -1.26 19.98 -28.22
C GLY B 15 -0.27 19.28 -29.16
N ALA B 16 1.00 19.72 -29.16
CA ALA B 16 2.07 19.11 -29.93
C ALA B 16 2.60 17.82 -29.29
N THR B 17 2.40 17.64 -27.98
CA THR B 17 2.82 16.43 -27.28
C THR B 17 1.75 15.33 -27.37
N CYS B 18 0.66 15.57 -28.11
CA CYS B 18 -0.33 14.57 -28.47
C CYS B 18 -0.87 13.81 -27.26
N TYR B 19 -0.42 12.55 -27.09
CA TYR B 19 -0.92 11.68 -26.04
C TYR B 19 -0.23 11.90 -24.71
N MET B 20 0.80 12.75 -24.69
CA MET B 20 1.73 12.77 -23.58
C MET B 20 0.97 13.10 -22.29
N ASN B 21 0.26 14.22 -22.27
CA ASN B 21 -0.44 14.61 -21.05
C ASN B 21 -1.36 13.49 -20.56
N SER B 22 -2.08 12.83 -21.47
CA SER B 22 -3.05 11.87 -21.01
C SER B 22 -2.33 10.56 -20.60
N LEU B 23 -1.07 10.31 -20.99
CA LEU B 23 -0.26 9.22 -20.43
C LEU B 23 0.35 9.64 -19.09
N LEU B 24 0.72 10.90 -18.93
CA LEU B 24 1.31 11.33 -17.67
C LEU B 24 0.37 11.09 -16.52
N GLN B 25 -0.92 11.37 -16.73
CA GLN B 25 -1.95 11.22 -15.71
C GLN B 25 -2.13 9.75 -15.36
N THR B 26 -2.29 8.92 -16.38
CA THR B 26 -2.31 7.47 -16.14
C THR B 26 -1.22 7.09 -15.14
N LEU B 27 0.02 7.56 -15.39
CA LEU B 27 1.18 7.07 -14.66
C LEU B 27 1.20 7.71 -13.28
N PHE B 28 0.82 8.99 -13.25
CA PHE B 28 0.74 9.69 -11.99
C PHE B 28 -0.11 8.90 -11.02
N PHE B 29 -1.28 8.44 -11.48
CA PHE B 29 -2.26 7.78 -10.62
C PHE B 29 -1.99 6.30 -10.37
N THR B 30 -0.92 5.74 -10.96
CA THR B 30 -0.38 4.43 -10.63
C THR B 30 0.46 4.58 -9.37
N ASN B 31 -0.22 4.78 -8.24
CA ASN B 31 0.42 5.36 -7.07
C ASN B 31 1.76 4.69 -6.76
N GLN B 32 1.83 3.37 -6.89
CA GLN B 32 3.02 2.70 -6.44
C GLN B 32 4.22 3.05 -7.32
N LEU B 33 3.94 3.38 -8.59
CA LEU B 33 4.94 3.94 -9.49
C LEU B 33 5.39 5.29 -8.95
N ARG B 34 4.42 6.15 -8.66
CA ARG B 34 4.68 7.52 -8.26
C ARG B 34 5.64 7.50 -7.09
N LYS B 35 5.33 6.65 -6.10
CA LYS B 35 6.04 6.69 -4.84
C LYS B 35 7.49 6.25 -5.05
N ALA B 36 7.66 5.28 -5.96
CA ALA B 36 8.99 4.83 -6.35
C ALA B 36 9.74 5.99 -7.02
N VAL B 37 9.01 6.80 -7.80
CA VAL B 37 9.69 7.82 -8.58
C VAL B 37 10.21 8.87 -7.60
N TYR B 38 9.39 9.13 -6.58
CA TYR B 38 9.73 10.08 -5.53
C TYR B 38 11.01 9.65 -4.80
N MET B 39 11.30 8.36 -4.71
CA MET B 39 12.49 7.93 -3.98
C MET B 39 13.76 8.06 -4.84
N MET B 40 13.64 8.14 -6.17
CA MET B 40 14.81 8.14 -7.04
C MET B 40 15.81 9.23 -6.64
N PRO B 41 17.13 8.93 -6.62
CA PRO B 41 18.13 9.88 -6.12
C PRO B 41 18.66 10.89 -7.15
N THR B 42 17.92 11.99 -7.31
CA THR B 42 18.25 12.98 -8.32
C THR B 42 19.13 14.09 -7.72
N GLU B 43 19.62 13.87 -6.49
CA GLU B 43 20.43 14.84 -5.76
C GLU B 43 21.34 15.62 -6.71
N GLY B 44 22.04 14.92 -7.60
CA GLY B 44 23.08 15.53 -8.41
C GLY B 44 22.66 15.81 -9.85
N ASP B 45 21.44 15.43 -10.24
CA ASP B 45 21.02 15.44 -11.65
C ASP B 45 20.81 16.86 -12.18
N ASP B 46 21.09 17.05 -13.48
CA ASP B 46 20.88 18.34 -14.15
C ASP B 46 19.38 18.56 -14.33
N SER B 47 18.93 19.82 -14.38
CA SER B 47 17.51 20.13 -14.30
C SER B 47 16.78 19.86 -15.62
N SER B 48 17.47 20.01 -16.75
CA SER B 48 16.82 19.84 -18.04
C SER B 48 17.59 18.86 -18.93
N LYS B 49 18.50 18.10 -18.33
CA LYS B 49 19.14 17.00 -19.03
C LYS B 49 18.56 15.68 -18.52
N SER B 50 17.89 15.70 -17.36
CA SER B 50 17.54 14.49 -16.63
C SER B 50 16.04 14.22 -16.65
N VAL B 51 15.66 13.13 -17.35
CA VAL B 51 14.26 12.79 -17.43
C VAL B 51 13.74 12.43 -16.05
N PRO B 52 14.41 11.55 -15.29
CA PRO B 52 13.90 11.21 -13.96
C PRO B 52 13.57 12.42 -13.09
N LEU B 53 14.45 13.42 -13.07
CA LEU B 53 14.15 14.67 -12.38
C LEU B 53 12.86 15.29 -12.92
N ALA B 54 12.74 15.30 -14.25
CA ALA B 54 11.58 15.91 -14.90
C ALA B 54 10.28 15.25 -14.46
N LEU B 55 10.26 13.90 -14.40
CA LEU B 55 9.09 13.17 -13.96
C LEU B 55 8.76 13.50 -12.50
N GLN B 56 9.78 13.65 -11.65
CA GLN B 56 9.61 14.02 -10.26
C GLN B 56 8.90 15.36 -10.14
N ARG B 57 9.35 16.34 -10.93
CA ARG B 57 8.76 17.67 -10.86
C ARG B 57 7.29 17.62 -11.27
N VAL B 58 7.00 16.93 -12.37
CA VAL B 58 5.65 16.91 -12.89
C VAL B 58 4.74 16.25 -11.87
N PHE B 59 5.20 15.11 -11.35
CA PHE B 59 4.47 14.34 -10.36
C PHE B 59 4.24 15.19 -9.12
N TYR B 60 5.29 15.92 -8.70
CA TYR B 60 5.17 16.72 -7.51
C TYR B 60 4.10 17.77 -7.71
N GLU B 61 4.17 18.48 -8.84
CA GLU B 61 3.19 19.51 -9.16
C GLU B 61 1.78 18.92 -9.23
N LEU B 62 1.63 17.76 -9.87
CA LEU B 62 0.32 17.14 -9.99
C LEU B 62 -0.23 16.87 -8.59
N GLN B 63 0.68 16.69 -7.64
CA GLN B 63 0.26 16.39 -6.28
C GLN B 63 -0.06 17.66 -5.51
N HIS B 64 0.71 18.73 -5.76
CA HIS B 64 0.65 19.88 -4.89
C HIS B 64 0.08 21.14 -5.55
N SER B 65 0.28 21.31 -6.87
CA SER B 65 -0.12 22.54 -7.54
C SER B 65 -1.63 22.71 -7.50
N ASP B 66 -2.04 23.98 -7.42
CA ASP B 66 -3.44 24.36 -7.47
C ASP B 66 -3.81 24.64 -8.92
N LYS B 67 -2.81 24.79 -9.80
CA LYS B 67 -3.01 25.27 -11.16
C LYS B 67 -2.43 24.34 -12.22
N PRO B 68 -2.95 24.43 -13.46
CA PRO B 68 -2.47 23.61 -14.58
C PRO B 68 -0.96 23.45 -14.58
N VAL B 69 -0.47 22.22 -14.79
CA VAL B 69 0.94 21.92 -14.59
C VAL B 69 1.69 21.89 -15.92
N GLY B 70 2.92 22.41 -15.89
CA GLY B 70 3.73 22.54 -17.09
C GLY B 70 4.57 21.30 -17.38
N THR B 71 4.83 21.03 -18.68
CA THR B 71 5.52 19.82 -19.08
C THR B 71 6.73 20.11 -19.99
N LYS B 72 7.10 21.40 -20.16
CA LYS B 72 8.12 21.78 -21.12
C LYS B 72 9.48 21.16 -20.79
N LYS B 73 9.86 21.20 -19.52
CA LYS B 73 11.17 20.68 -19.11
C LYS B 73 11.23 19.18 -19.37
N LEU B 74 10.07 18.52 -19.28
CA LEU B 74 9.94 17.09 -19.53
C LEU B 74 10.16 16.81 -21.01
N THR B 75 9.43 17.53 -21.89
CA THR B 75 9.57 17.40 -23.33
C THR B 75 11.04 17.56 -23.72
N LYS B 76 11.65 18.61 -23.14
CA LYS B 76 13.05 18.93 -23.38
C LYS B 76 13.95 17.80 -22.90
N SER B 77 13.66 17.24 -21.72
CA SER B 77 14.61 16.35 -21.09
C SER B 77 14.92 15.11 -21.94
N PHE B 78 13.97 14.62 -22.76
CA PHE B 78 14.28 13.44 -23.58
C PHE B 78 14.42 13.80 -25.06
N GLY B 79 14.38 15.09 -25.41
CA GLY B 79 14.79 15.54 -26.74
C GLY B 79 13.91 15.05 -27.89
N TRP B 80 12.58 15.00 -27.63
CA TRP B 80 11.60 14.96 -28.70
C TRP B 80 11.14 16.38 -28.99
N GLU B 81 12.07 17.22 -29.46
CA GLU B 81 11.74 18.47 -30.13
C GLU B 81 12.25 18.37 -31.56
N THR B 82 11.71 17.39 -32.30
CA THR B 82 11.54 17.47 -33.75
C THR B 82 10.05 17.75 -33.96
N LEU B 83 9.49 17.42 -35.13
CA LEU B 83 8.09 17.73 -35.39
C LEU B 83 7.27 16.44 -35.38
N ASP B 84 7.71 15.46 -36.20
CA ASP B 84 7.10 14.14 -36.26
C ASP B 84 7.49 13.32 -35.04
N SER B 85 7.88 13.99 -33.95
CA SER B 85 8.26 13.31 -32.73
C SER B 85 7.02 12.66 -32.12
N PHE B 86 6.20 13.42 -31.40
CA PHE B 86 5.06 12.83 -30.70
C PHE B 86 3.93 12.49 -31.66
N MET B 87 4.24 12.20 -32.91
CA MET B 87 3.21 12.06 -33.92
C MET B 87 3.58 10.89 -34.82
N GLN B 88 4.89 10.65 -34.98
CA GLN B 88 5.32 9.48 -35.72
C GLN B 88 5.80 8.41 -34.73
N HIS B 89 5.40 8.54 -33.46
CA HIS B 89 5.66 7.52 -32.46
C HIS B 89 4.34 6.93 -31.98
N ASP B 90 4.39 5.75 -31.33
CA ASP B 90 3.22 5.19 -30.71
C ASP B 90 3.22 5.59 -29.25
N VAL B 91 2.05 5.46 -28.60
CA VAL B 91 1.89 5.91 -27.23
C VAL B 91 2.74 5.02 -26.33
N GLN B 92 2.95 3.75 -26.71
CA GLN B 92 3.62 2.83 -25.79
C GLN B 92 5.12 3.04 -25.93
N GLU B 93 5.51 3.70 -27.02
CA GLU B 93 6.90 4.01 -27.23
C GLU B 93 7.35 5.09 -26.25
N LEU B 94 6.46 6.08 -26.02
CA LEU B 94 6.70 7.07 -24.99
C LEU B 94 6.83 6.37 -23.65
N CYS B 95 5.92 5.44 -23.41
CA CYS B 95 5.84 4.78 -22.13
C CYS B 95 7.15 4.08 -21.80
N ARG B 96 7.66 3.28 -22.74
CA ARG B 96 8.93 2.61 -22.50
C ARG B 96 10.02 3.65 -22.25
N VAL B 97 10.03 4.76 -22.99
CA VAL B 97 11.07 5.74 -22.79
C VAL B 97 11.07 6.26 -21.35
N LEU B 98 9.92 6.72 -20.85
CA LEU B 98 9.75 7.16 -19.46
C LEU B 98 10.12 6.06 -18.46
N LEU B 99 9.54 4.86 -18.60
CA LEU B 99 9.77 3.80 -17.63
C LEU B 99 11.22 3.32 -17.70
N ASP B 100 11.85 3.39 -18.87
CA ASP B 100 13.21 2.87 -18.92
C ASP B 100 14.17 3.78 -18.17
N ASN B 101 13.89 5.08 -18.17
CA ASN B 101 14.70 6.04 -17.45
C ASN B 101 14.44 5.89 -15.96
N VAL B 102 13.27 5.32 -15.68
CA VAL B 102 12.83 5.24 -14.31
C VAL B 102 13.39 3.95 -13.71
N GLU B 103 13.26 2.82 -14.39
CA GLU B 103 13.97 1.62 -14.00
C GLU B 103 15.45 1.96 -13.75
N ASN B 104 16.12 2.50 -14.77
CA ASN B 104 17.57 2.58 -14.77
C ASN B 104 18.07 3.38 -13.57
N LYS B 105 17.42 4.51 -13.31
CA LYS B 105 17.81 5.37 -12.21
C LYS B 105 17.63 4.67 -10.85
N MET B 106 16.74 3.67 -10.78
CA MET B 106 16.41 3.03 -9.51
C MET B 106 17.33 1.86 -9.21
N LYS B 107 18.33 1.58 -10.05
CA LYS B 107 19.13 0.37 -9.87
C LYS B 107 20.23 0.62 -8.86
N GLY B 108 20.50 -0.41 -8.04
CA GLY B 108 21.31 -0.30 -6.84
C GLY B 108 20.72 0.66 -5.80
N THR B 109 19.37 0.82 -5.79
CA THR B 109 18.67 1.58 -4.77
C THR B 109 17.59 0.69 -4.15
N CYS B 110 16.93 1.21 -3.11
CA CYS B 110 15.96 0.42 -2.36
C CYS B 110 14.87 -0.09 -3.29
N VAL B 111 14.67 0.65 -4.38
CA VAL B 111 13.42 0.58 -5.11
C VAL B 111 13.72 0.04 -6.50
N GLU B 112 14.91 -0.55 -6.65
CA GLU B 112 15.25 -1.35 -7.82
C GLU B 112 14.10 -2.33 -8.08
N GLY B 113 13.73 -2.54 -9.36
CA GLY B 113 12.76 -3.57 -9.73
C GLY B 113 11.29 -3.15 -9.67
N THR B 114 10.96 -1.94 -9.17
CA THR B 114 9.57 -1.52 -9.08
C THR B 114 8.86 -1.67 -10.44
N ILE B 115 9.52 -1.22 -11.50
CA ILE B 115 8.86 -1.08 -12.78
C ILE B 115 8.51 -2.46 -13.35
N PRO B 116 9.47 -3.39 -13.50
CA PRO B 116 9.13 -4.78 -13.83
C PRO B 116 8.06 -5.37 -12.91
N LYS B 117 8.22 -5.16 -11.60
CA LYS B 117 7.22 -5.64 -10.66
C LYS B 117 5.83 -5.28 -11.18
N LEU B 118 5.66 -4.03 -11.64
CA LEU B 118 4.35 -3.45 -11.88
C LEU B 118 3.85 -3.69 -13.31
N PHE B 119 4.73 -3.71 -14.31
CA PHE B 119 4.25 -3.72 -15.69
C PHE B 119 4.72 -4.94 -16.45
N ARG B 120 5.64 -5.74 -15.89
CA ARG B 120 6.26 -6.81 -16.65
C ARG B 120 5.47 -8.12 -16.50
N GLY B 121 5.03 -8.66 -17.65
CA GLY B 121 4.49 -10.01 -17.75
C GLY B 121 5.37 -10.82 -18.68
N LYS B 122 5.07 -12.12 -18.81
CA LYS B 122 5.87 -12.99 -19.65
C LYS B 122 5.00 -13.89 -20.52
N MET B 123 5.63 -14.35 -21.60
CA MET B 123 5.01 -14.69 -22.87
C MET B 123 5.84 -15.81 -23.48
N VAL B 124 5.22 -16.67 -24.30
CA VAL B 124 5.95 -17.64 -25.12
C VAL B 124 5.57 -17.45 -26.57
N SER B 125 6.56 -17.45 -27.47
CA SER B 125 6.29 -17.49 -28.89
C SER B 125 6.94 -18.71 -29.52
N TYR B 126 6.18 -19.46 -30.32
CA TYR B 126 6.60 -20.77 -30.75
C TYR B 126 6.27 -20.97 -32.21
N ILE B 127 7.06 -21.81 -32.88
CA ILE B 127 6.81 -22.21 -34.25
C ILE B 127 6.84 -23.73 -34.27
N GLN B 128 5.77 -24.36 -34.77
CA GLN B 128 5.64 -25.81 -34.77
C GLN B 128 5.47 -26.31 -36.21
N CYS B 129 6.24 -27.33 -36.59
CA CYS B 129 6.15 -27.93 -37.91
C CYS B 129 4.96 -28.91 -38.02
N VAL B 132 6.92 -32.46 -40.08
CA VAL B 132 8.24 -32.86 -39.48
C VAL B 132 8.17 -32.64 -37.98
N ASP B 133 9.04 -33.32 -37.25
CA ASP B 133 9.16 -33.14 -35.81
C ASP B 133 10.23 -32.10 -35.49
N TYR B 134 9.80 -30.84 -35.29
CA TYR B 134 10.68 -29.72 -34.95
C TYR B 134 9.87 -28.56 -34.36
N ARG B 135 10.42 -27.92 -33.31
CA ARG B 135 9.74 -26.82 -32.63
C ARG B 135 10.75 -25.78 -32.15
N SER B 136 10.34 -24.49 -32.16
CA SER B 136 11.17 -23.39 -31.69
C SER B 136 10.38 -22.51 -30.73
N ASP B 137 10.77 -22.46 -29.44
CA ASP B 137 10.03 -21.72 -28.43
C ASP B 137 10.95 -20.66 -27.82
N ARG B 138 10.51 -19.40 -27.77
CA ARG B 138 11.33 -18.33 -27.20
C ARG B 138 10.48 -17.52 -26.22
N ARG B 139 10.92 -17.53 -24.95
CA ARG B 139 10.22 -16.87 -23.87
C ARG B 139 10.57 -15.39 -23.93
N GLU B 140 9.59 -14.52 -23.71
CA GLU B 140 9.90 -13.11 -23.72
C GLU B 140 9.26 -12.43 -22.53
N ASP B 141 9.65 -11.19 -22.33
CA ASP B 141 8.91 -10.28 -21.50
C ASP B 141 8.06 -9.37 -22.38
N TYR B 142 7.13 -8.66 -21.73
CA TYR B 142 6.36 -7.59 -22.34
C TYR B 142 5.94 -6.63 -21.22
N TYR B 143 5.88 -5.35 -21.57
CA TYR B 143 5.46 -4.32 -20.64
C TYR B 143 4.10 -3.79 -21.04
N ASP B 144 3.56 -4.27 -22.16
CA ASP B 144 2.26 -3.82 -22.64
C ASP B 144 1.80 -4.71 -23.79
N ILE B 145 0.53 -4.60 -24.20
CA ILE B 145 0.03 -5.43 -25.29
C ILE B 145 -0.70 -4.61 -26.34
N GLN B 146 -0.45 -4.96 -27.62
CA GLN B 146 -1.11 -4.32 -28.75
C GLN B 146 -2.17 -5.25 -29.34
N LEU B 147 -3.45 -4.99 -29.02
CA LEU B 147 -4.61 -5.74 -29.50
C LEU B 147 -5.10 -5.25 -30.87
N SER B 148 -5.36 -6.19 -31.80
CA SER B 148 -5.97 -5.86 -33.07
C SER B 148 -7.47 -5.70 -32.83
N ILE B 149 -8.14 -4.80 -33.56
CA ILE B 149 -9.56 -4.56 -33.32
C ILE B 149 -10.40 -4.76 -34.59
N LYS B 150 -9.81 -4.63 -35.78
CA LYS B 150 -10.62 -4.62 -36.98
C LYS B 150 -11.23 -6.00 -37.16
N GLY B 151 -12.57 -6.05 -37.24
CA GLY B 151 -13.28 -7.31 -37.34
C GLY B 151 -13.40 -8.01 -35.98
N LYS B 152 -13.09 -7.29 -34.91
CA LYS B 152 -13.27 -7.79 -33.55
C LYS B 152 -14.25 -6.88 -32.83
N LYS B 153 -15.22 -7.50 -32.15
CA LYS B 153 -16.27 -6.75 -31.48
C LYS B 153 -15.75 -6.22 -30.14
N ASN B 154 -14.87 -7.00 -29.48
CA ASN B 154 -14.51 -6.68 -28.11
C ASN B 154 -13.15 -7.25 -27.70
N ILE B 155 -12.68 -6.80 -26.53
CA ILE B 155 -11.44 -7.24 -25.91
C ILE B 155 -11.31 -8.75 -26.02
N PHE B 156 -12.39 -9.48 -25.71
CA PHE B 156 -12.36 -10.93 -25.68
C PHE B 156 -11.84 -11.46 -27.02
N GLU B 157 -12.55 -11.12 -28.10
CA GLU B 157 -12.19 -11.55 -29.44
C GLU B 157 -10.77 -11.11 -29.82
N SER B 158 -10.33 -9.95 -29.30
CA SER B 158 -8.99 -9.44 -29.57
C SER B 158 -7.90 -10.31 -28.98
N PHE B 159 -8.07 -10.69 -27.71
CA PHE B 159 -7.15 -11.60 -27.06
C PHE B 159 -7.12 -12.93 -27.81
N VAL B 160 -8.33 -13.37 -28.20
CA VAL B 160 -8.49 -14.63 -28.89
C VAL B 160 -7.63 -14.59 -30.15
N ASP B 161 -7.71 -13.49 -30.91
CA ASP B 161 -7.01 -13.37 -32.17
C ASP B 161 -5.50 -13.31 -31.97
N TYR B 162 -5.08 -12.75 -30.83
CA TYR B 162 -3.67 -12.62 -30.48
C TYR B 162 -3.00 -13.98 -30.35
N VAL B 163 -3.65 -14.91 -29.62
CA VAL B 163 -3.17 -16.27 -29.36
C VAL B 163 -3.64 -17.24 -30.46
N ALA B 164 -4.31 -16.70 -31.49
CA ALA B 164 -4.75 -17.51 -32.61
C ALA B 164 -3.53 -18.18 -33.24
N VAL B 165 -3.64 -19.50 -33.45
CA VAL B 165 -2.55 -20.27 -33.99
C VAL B 165 -2.49 -20.11 -35.51
N GLU B 166 -1.64 -19.19 -35.99
CA GLU B 166 -1.51 -18.87 -37.41
C GLU B 166 -0.85 -20.04 -38.14
N GLN B 167 -1.00 -20.09 -39.47
CA GLN B 167 -0.43 -21.14 -40.30
C GLN B 167 0.50 -20.51 -41.34
N LEU B 168 1.68 -21.13 -41.53
CA LEU B 168 2.67 -20.68 -42.50
C LEU B 168 2.77 -21.72 -43.61
N ASP B 169 2.12 -21.46 -44.76
CA ASP B 169 2.05 -22.42 -45.85
C ASP B 169 2.18 -21.69 -47.19
N GLY B 170 2.04 -22.46 -48.28
CA GLY B 170 2.10 -21.93 -49.62
C GLY B 170 3.44 -21.22 -49.84
N ASP B 171 3.36 -19.97 -50.31
CA ASP B 171 4.56 -19.20 -50.66
C ASP B 171 5.38 -18.87 -49.42
N ASN B 172 4.72 -18.37 -48.36
CA ASN B 172 5.41 -17.93 -47.15
C ASN B 172 5.54 -19.09 -46.17
N LYS B 173 6.25 -20.17 -46.56
CA LYS B 173 6.44 -21.36 -45.72
C LYS B 173 7.56 -21.07 -44.73
N TYR B 174 7.81 -21.96 -43.75
CA TYR B 174 8.80 -21.65 -42.72
C TYR B 174 10.17 -22.22 -43.11
N ASP B 175 11.21 -21.38 -43.10
CA ASP B 175 12.57 -21.84 -43.27
C ASP B 175 12.98 -22.54 -41.97
N ALA B 176 12.75 -23.87 -41.92
CA ALA B 176 13.02 -24.64 -40.71
C ALA B 176 14.46 -25.13 -40.69
N GLY B 177 15.34 -24.45 -41.44
CA GLY B 177 16.76 -24.73 -41.37
C GLY B 177 17.10 -26.01 -42.11
N GLU B 178 17.66 -27.00 -41.37
CA GLU B 178 18.18 -28.21 -42.00
C GLU B 178 17.02 -29.07 -42.51
N HIS B 179 15.83 -28.84 -41.96
CA HIS B 179 14.62 -29.55 -42.39
C HIS B 179 13.96 -28.84 -43.58
N GLY B 180 14.61 -27.81 -44.13
CA GLY B 180 14.16 -27.17 -45.36
C GLY B 180 12.88 -26.35 -45.14
N LEU B 181 12.32 -25.82 -46.23
CA LEU B 181 11.06 -25.09 -46.18
C LEU B 181 9.95 -26.06 -45.78
N GLN B 182 9.06 -25.62 -44.89
CA GLN B 182 8.08 -26.52 -44.32
C GLN B 182 6.74 -25.83 -44.14
N GLU B 183 5.79 -26.62 -43.63
CA GLU B 183 4.51 -26.12 -43.16
C GLU B 183 4.55 -26.15 -41.64
N ALA B 184 4.22 -25.01 -41.01
CA ALA B 184 4.26 -24.90 -39.57
C ALA B 184 3.28 -23.83 -39.09
N GLU B 185 2.94 -23.87 -37.81
CA GLU B 185 1.97 -22.94 -37.23
C GLU B 185 2.61 -22.14 -36.10
N LYS B 186 2.70 -20.80 -36.25
CA LYS B 186 3.25 -19.96 -35.19
C LYS B 186 2.14 -19.31 -34.35
N GLY B 187 2.25 -19.45 -33.03
CA GLY B 187 1.31 -18.85 -32.12
C GLY B 187 2.03 -18.17 -30.96
N VAL B 188 1.26 -17.62 -30.02
CA VAL B 188 1.77 -16.94 -28.84
C VAL B 188 1.01 -17.47 -27.64
N LYS B 189 1.59 -17.39 -26.44
CA LYS B 189 0.77 -17.62 -25.25
C LYS B 189 1.31 -16.92 -24.00
N PHE B 190 0.37 -16.59 -23.09
CA PHE B 190 0.61 -15.79 -21.91
C PHE B 190 0.96 -16.72 -20.75
N LEU B 191 2.05 -16.39 -20.04
CA LEU B 191 2.47 -17.17 -18.88
C LEU B 191 2.14 -16.38 -17.61
N THR B 192 2.44 -15.08 -17.58
CA THR B 192 1.89 -14.23 -16.54
C THR B 192 1.31 -12.97 -17.18
N LEU B 193 0.44 -12.32 -16.41
CA LEU B 193 -0.10 -11.01 -16.74
C LEU B 193 0.24 -10.10 -15.57
N PRO B 194 0.75 -8.88 -15.84
CA PRO B 194 1.37 -8.07 -14.81
C PRO B 194 0.34 -7.40 -13.91
N PRO B 195 0.77 -6.89 -12.75
CA PRO B 195 -0.13 -6.14 -11.87
C PRO B 195 -0.82 -4.96 -12.54
N VAL B 196 -0.11 -4.25 -13.42
CA VAL B 196 -0.74 -3.19 -14.21
C VAL B 196 -0.64 -3.56 -15.69
N LEU B 197 -1.79 -3.52 -16.38
CA LEU B 197 -1.91 -4.11 -17.70
C LEU B 197 -2.18 -2.99 -18.68
N HIS B 198 -1.21 -2.67 -19.55
CA HIS B 198 -1.36 -1.63 -20.54
C HIS B 198 -1.77 -2.28 -21.85
N LEU B 199 -2.97 -1.97 -22.34
CA LEU B 199 -3.44 -2.48 -23.60
C LEU B 199 -3.61 -1.31 -24.55
N GLN B 200 -3.12 -1.48 -25.78
CA GLN B 200 -3.25 -0.48 -26.81
C GLN B 200 -4.11 -1.08 -27.91
N LEU B 201 -4.97 -0.26 -28.52
CA LEU B 201 -5.87 -0.76 -29.54
C LEU B 201 -5.38 -0.26 -30.88
N MET B 202 -5.19 -1.17 -31.82
CA MET B 202 -4.58 -0.81 -33.09
C MET B 202 -5.61 -0.19 -34.02
N ARG B 203 -5.85 1.11 -33.84
CA ARG B 203 -6.81 1.83 -34.67
C ARG B 203 -6.13 2.51 -35.85
N ALA B 204 -4.79 2.56 -35.85
CA ALA B 204 -4.06 3.28 -36.89
C ALA B 204 -3.68 2.32 -38.02
N MET B 205 -3.75 2.82 -39.26
CA MET B 205 -3.59 1.99 -40.44
C MET B 205 -3.33 2.87 -41.69
N ASN B 213 -1.97 8.94 -43.38
CA ASN B 213 -2.32 7.70 -42.63
C ASN B 213 -3.82 7.73 -42.35
N ILE B 214 -4.31 6.79 -41.53
CA ILE B 214 -5.74 6.70 -41.31
C ILE B 214 -6.06 6.19 -39.90
N LYS B 215 -7.23 6.61 -39.40
CA LYS B 215 -7.76 6.12 -38.14
C LYS B 215 -8.98 5.24 -38.41
N ILE B 216 -9.01 4.05 -37.78
CA ILE B 216 -10.17 3.19 -37.81
C ILE B 216 -11.05 3.54 -36.62
N ASN B 217 -12.27 4.02 -36.87
CA ASN B 217 -13.16 4.43 -35.80
C ASN B 217 -14.23 3.38 -35.51
N ASP B 218 -13.95 2.12 -35.82
CA ASP B 218 -14.97 1.09 -35.70
C ASP B 218 -15.28 0.90 -34.21
N ARG B 219 -16.47 0.35 -33.94
CA ARG B 219 -16.86 0.00 -32.59
C ARG B 219 -15.92 -1.04 -31.99
N PHE B 220 -15.48 -0.80 -30.75
CA PHE B 220 -14.65 -1.76 -30.04
C PHE B 220 -14.98 -1.70 -28.54
N GLU B 221 -15.49 -2.82 -28.01
CA GLU B 221 -16.12 -2.83 -26.70
C GLU B 221 -15.11 -3.29 -25.63
N PHE B 222 -15.21 -2.75 -24.42
CA PHE B 222 -14.33 -3.23 -23.36
C PHE B 222 -15.03 -3.10 -22.01
N PRO B 223 -14.83 -4.06 -21.07
CA PRO B 223 -15.60 -4.11 -19.82
C PRO B 223 -14.89 -3.54 -18.61
N GLU B 224 -15.71 -3.20 -17.61
CA GLU B 224 -15.24 -2.65 -16.36
C GLU B 224 -14.39 -3.72 -15.68
N GLN B 225 -14.80 -4.99 -15.83
CA GLN B 225 -14.07 -6.09 -15.22
C GLN B 225 -13.61 -6.99 -16.36
N LEU B 226 -12.34 -7.37 -16.29
CA LEU B 226 -11.71 -8.13 -17.36
C LEU B 226 -11.10 -9.41 -16.78
N PRO B 227 -11.80 -10.56 -16.93
CA PRO B 227 -11.29 -11.85 -16.47
C PRO B 227 -10.38 -12.47 -17.52
N LEU B 228 -9.13 -12.78 -17.15
CA LEU B 228 -8.19 -13.28 -18.15
C LEU B 228 -7.73 -14.71 -17.88
N ASP B 229 -8.12 -15.34 -16.74
CA ASP B 229 -7.64 -16.68 -16.38
C ASP B 229 -7.58 -17.60 -17.60
N GLU B 230 -8.62 -17.56 -18.44
CA GLU B 230 -8.78 -18.52 -19.53
C GLU B 230 -7.82 -18.24 -20.68
N PHE B 231 -6.84 -17.37 -20.52
CA PHE B 231 -5.83 -17.16 -21.54
C PHE B 231 -4.42 -17.55 -21.07
N LEU B 232 -4.26 -17.76 -19.77
CA LEU B 232 -3.00 -18.23 -19.20
C LEU B 232 -2.80 -19.71 -19.53
N GLN B 233 -1.56 -20.18 -19.52
CA GLN B 233 -1.27 -21.60 -19.59
C GLN B 233 -1.56 -22.21 -18.23
N LYS B 234 -1.03 -21.61 -17.16
CA LYS B 234 -1.30 -22.08 -15.83
C LYS B 234 -2.22 -21.07 -15.14
N THR B 235 -3.35 -21.54 -14.59
CA THR B 235 -4.19 -20.71 -13.76
C THR B 235 -3.76 -20.92 -12.32
N ASP B 236 -4.14 -19.98 -11.44
CA ASP B 236 -3.83 -20.07 -10.03
C ASP B 236 -5.13 -20.07 -9.24
N PRO B 237 -5.46 -21.19 -8.56
CA PRO B 237 -6.68 -21.24 -7.73
C PRO B 237 -6.69 -20.13 -6.68
N LYS B 238 -5.51 -19.87 -6.10
CA LYS B 238 -5.32 -18.86 -5.07
C LYS B 238 -5.77 -17.50 -5.61
N ASP B 239 -5.13 -17.07 -6.71
CA ASP B 239 -5.18 -15.70 -7.20
C ASP B 239 -5.61 -15.69 -8.67
N PRO B 240 -6.90 -15.42 -8.96
CA PRO B 240 -7.38 -15.44 -10.33
C PRO B 240 -7.01 -14.12 -11.01
N ALA B 241 -6.97 -14.15 -12.34
CA ALA B 241 -6.56 -13.04 -13.16
C ALA B 241 -7.75 -12.14 -13.52
N ASN B 242 -8.31 -11.47 -12.50
CA ASN B 242 -9.40 -10.52 -12.70
C ASN B 242 -8.85 -9.10 -12.64
N TYR B 243 -9.25 -8.28 -13.62
CA TYR B 243 -8.64 -6.96 -13.82
C TYR B 243 -9.68 -5.84 -13.77
N ILE B 244 -9.37 -4.80 -12.99
CA ILE B 244 -10.23 -3.63 -12.82
C ILE B 244 -9.78 -2.53 -13.77
N LEU B 245 -10.72 -2.06 -14.61
CA LEU B 245 -10.49 -0.94 -15.50
C LEU B 245 -10.14 0.29 -14.67
N HIS B 246 -8.97 0.88 -14.96
CA HIS B 246 -8.47 2.02 -14.25
C HIS B 246 -8.50 3.26 -15.15
N ALA B 247 -7.94 3.17 -16.37
CA ALA B 247 -7.87 4.35 -17.24
C ALA B 247 -8.39 4.01 -18.64
N VAL B 248 -9.01 5.02 -19.28
CA VAL B 248 -9.34 4.98 -20.68
C VAL B 248 -8.73 6.20 -21.37
N LEU B 249 -7.69 5.95 -22.18
CA LEU B 249 -7.05 6.98 -22.99
C LEU B 249 -7.77 7.04 -24.33
N VAL B 250 -8.11 8.25 -24.73
CA VAL B 250 -9.12 8.47 -25.75
C VAL B 250 -8.63 9.56 -26.68
N HIS B 251 -9.00 9.37 -27.94
CA HIS B 251 -8.69 10.31 -28.98
C HIS B 251 -9.90 10.56 -29.87
N SER B 252 -9.88 11.71 -30.51
CA SER B 252 -10.78 11.98 -31.62
C SER B 252 -10.01 12.98 -32.47
N GLY B 253 -10.18 12.85 -33.79
CA GLY B 253 -9.20 13.35 -34.76
C GLY B 253 -9.63 14.63 -35.45
N ASP B 254 -8.85 15.69 -35.25
CA ASP B 254 -9.21 16.97 -35.82
C ASP B 254 -8.03 17.58 -36.57
N ASN B 255 -8.19 18.87 -36.86
CA ASN B 255 -7.30 19.68 -37.67
C ASN B 255 -6.27 20.35 -36.79
N HIS B 256 -6.42 20.12 -35.48
CA HIS B 256 -5.59 20.67 -34.44
C HIS B 256 -4.61 19.63 -33.92
N GLY B 257 -4.39 18.54 -34.66
CA GLY B 257 -3.50 17.47 -34.22
C GLY B 257 -4.22 16.42 -33.38
N GLY B 258 -5.49 16.71 -33.05
CA GLY B 258 -6.36 15.73 -32.43
C GLY B 258 -6.85 16.21 -31.08
N HIS B 259 -7.98 15.64 -30.65
CA HIS B 259 -8.48 15.78 -29.28
C HIS B 259 -8.12 14.55 -28.44
N TYR B 260 -7.28 14.80 -27.42
CA TYR B 260 -6.79 13.76 -26.51
C TYR B 260 -7.33 13.97 -25.10
N VAL B 261 -7.80 12.88 -24.49
CA VAL B 261 -8.43 12.96 -23.20
C VAL B 261 -8.21 11.63 -22.49
N VAL B 262 -8.22 11.65 -21.16
CA VAL B 262 -8.13 10.41 -20.42
C VAL B 262 -9.17 10.41 -19.29
N TYR B 263 -9.82 9.26 -19.16
CA TYR B 263 -10.71 9.02 -18.05
C TYR B 263 -9.97 8.18 -17.03
N LEU B 264 -10.15 8.54 -15.77
CA LEU B 264 -9.55 7.76 -14.71
C LEU B 264 -10.60 7.63 -13.62
N ASN B 265 -10.58 6.49 -12.94
CA ASN B 265 -11.17 6.36 -11.61
C ASN B 265 -10.02 6.04 -10.68
N PRO B 266 -9.27 7.07 -10.21
CA PRO B 266 -7.96 6.85 -9.61
C PRO B 266 -7.93 5.87 -8.45
N LYS B 267 -9.02 5.82 -7.68
CA LYS B 267 -9.10 5.01 -6.48
C LYS B 267 -9.85 3.70 -6.74
N GLY B 268 -9.87 3.25 -8.00
CA GLY B 268 -10.34 1.92 -8.34
C GLY B 268 -11.82 1.69 -8.07
N ASP B 269 -12.54 2.72 -7.59
CA ASP B 269 -13.82 2.52 -6.92
C ASP B 269 -15.02 2.77 -7.85
N GLY B 270 -14.80 3.07 -9.13
CA GLY B 270 -15.89 3.35 -10.06
C GLY B 270 -16.33 4.82 -10.06
N LYS B 271 -15.60 5.71 -9.34
CA LYS B 271 -15.81 7.15 -9.39
C LYS B 271 -14.88 7.82 -10.40
N TRP B 272 -15.42 8.08 -11.59
CA TRP B 272 -14.61 8.53 -12.72
C TRP B 272 -14.41 10.05 -12.72
N CYS B 273 -13.27 10.48 -13.26
CA CYS B 273 -13.01 11.86 -13.62
C CYS B 273 -12.46 11.93 -15.04
N LYS B 274 -12.61 13.12 -15.62
CA LYS B 274 -12.20 13.36 -16.99
C LYS B 274 -11.09 14.38 -16.93
N PHE B 275 -9.95 14.03 -17.54
CA PHE B 275 -8.75 14.83 -17.54
C PHE B 275 -8.58 15.30 -18.97
N ASP B 276 -8.75 16.62 -19.19
CA ASP B 276 -8.75 17.24 -20.52
C ASP B 276 -7.78 18.40 -20.46
N ASP B 277 -6.49 18.06 -20.47
CA ASP B 277 -5.43 19.02 -20.23
C ASP B 277 -5.70 19.67 -18.87
N ASP B 278 -6.03 20.96 -18.85
CA ASP B 278 -6.11 21.69 -17.61
C ASP B 278 -7.47 21.49 -16.96
N VAL B 279 -8.43 20.94 -17.71
CA VAL B 279 -9.80 20.85 -17.25
C VAL B 279 -10.06 19.44 -16.72
N VAL B 280 -10.26 19.36 -15.40
CA VAL B 280 -10.63 18.10 -14.76
C VAL B 280 -12.01 18.20 -14.12
N SER B 281 -12.87 17.22 -14.45
CA SER B 281 -14.23 17.16 -13.94
C SER B 281 -14.66 15.72 -13.68
N ARG B 282 -15.51 15.55 -12.67
CA ARG B 282 -16.27 14.33 -12.46
C ARG B 282 -16.98 13.95 -13.75
N CYS B 283 -17.21 12.67 -13.98
CA CYS B 283 -17.96 12.26 -15.16
C CYS B 283 -18.69 10.98 -14.81
N THR B 284 -19.55 10.51 -15.71
CA THR B 284 -20.27 9.27 -15.51
C THR B 284 -19.40 8.10 -15.97
N LYS B 285 -19.70 6.92 -15.41
CA LYS B 285 -19.10 5.67 -15.85
C LYS B 285 -19.35 5.51 -17.35
N GLU B 286 -20.58 5.82 -17.75
CA GLU B 286 -20.99 5.69 -19.14
C GLU B 286 -20.09 6.56 -20.02
N GLU B 287 -19.77 7.78 -19.56
CA GLU B 287 -18.96 8.67 -20.36
C GLU B 287 -17.56 8.08 -20.50
N ALA B 288 -17.06 7.46 -19.40
CA ALA B 288 -15.72 6.89 -19.34
C ALA B 288 -15.60 5.64 -20.19
N ILE B 289 -16.66 4.80 -20.18
CA ILE B 289 -16.60 3.49 -20.80
C ILE B 289 -17.39 3.43 -22.10
N GLU B 290 -18.70 3.20 -22.05
CA GLU B 290 -19.43 2.82 -23.26
C GLU B 290 -19.32 3.92 -24.33
N HIS B 291 -19.30 5.19 -23.90
CA HIS B 291 -19.15 6.31 -24.83
C HIS B 291 -17.78 6.30 -25.51
N ASN B 292 -16.86 5.38 -25.17
CA ASN B 292 -15.56 5.31 -25.81
C ASN B 292 -15.40 4.07 -26.70
N TYR B 293 -16.53 3.44 -26.98
CA TYR B 293 -16.53 2.24 -27.79
C TYR B 293 -16.29 2.60 -29.26
N GLY B 294 -16.62 3.83 -29.67
CA GLY B 294 -16.59 4.23 -31.08
C GLY B 294 -17.81 3.69 -31.84
N GLY B 295 -17.89 4.01 -33.13
CA GLY B 295 -19.02 3.58 -33.94
C GLY B 295 -18.91 4.09 -35.35
N CYS B 305 -17.21 12.29 -30.20
CA CYS B 305 -16.59 11.51 -31.29
C CYS B 305 -15.32 10.80 -30.77
N THR B 306 -15.05 10.94 -29.47
CA THR B 306 -13.83 10.41 -28.89
C THR B 306 -13.97 8.89 -28.72
N ASN B 307 -12.89 8.16 -29.02
CA ASN B 307 -12.83 6.70 -28.89
C ASN B 307 -11.48 6.27 -28.30
N ALA B 308 -11.46 5.07 -27.69
CA ALA B 308 -10.33 4.63 -26.88
C ALA B 308 -9.21 4.10 -27.78
N TYR B 309 -7.95 4.41 -27.43
CA TYR B 309 -6.81 3.81 -28.11
C TYR B 309 -5.94 3.05 -27.13
N MET B 310 -6.12 3.26 -25.82
CA MET B 310 -5.33 2.56 -24.82
C MET B 310 -6.17 2.45 -23.55
N LEU B 311 -5.99 1.34 -22.81
CA LEU B 311 -6.74 1.07 -21.59
C LEU B 311 -5.73 0.61 -20.55
N VAL B 312 -5.92 1.01 -19.30
CA VAL B 312 -5.12 0.46 -18.24
C VAL B 312 -6.00 -0.35 -17.30
N TYR B 313 -5.60 -1.60 -17.02
CA TYR B 313 -6.29 -2.43 -16.05
C TYR B 313 -5.35 -2.80 -14.90
N ILE B 314 -5.90 -2.90 -13.69
CA ILE B 314 -5.12 -3.35 -12.55
C ILE B 314 -5.73 -4.66 -12.03
N ARG B 315 -4.86 -5.62 -11.70
CA ARG B 315 -5.29 -6.88 -11.13
C ARG B 315 -5.99 -6.62 -9.79
N GLU B 316 -7.16 -7.22 -9.63
CA GLU B 316 -8.01 -6.95 -8.49
C GLU B 316 -7.22 -7.23 -7.20
N SER B 317 -6.43 -8.30 -7.21
CA SER B 317 -5.70 -8.71 -6.02
C SER B 317 -4.56 -7.75 -5.68
N LYS B 318 -4.20 -6.85 -6.61
CA LYS B 318 -3.12 -5.92 -6.35
C LYS B 318 -3.65 -4.50 -6.20
N LEU B 319 -4.97 -4.33 -6.36
CA LEU B 319 -5.62 -3.03 -6.33
C LEU B 319 -5.09 -2.16 -5.19
N SER B 320 -5.05 -2.73 -3.97
CA SER B 320 -4.81 -1.95 -2.77
C SER B 320 -3.32 -1.62 -2.61
N GLU B 321 -2.48 -2.45 -3.24
CA GLU B 321 -1.06 -2.22 -3.20
C GLU B 321 -0.75 -1.11 -4.20
N VAL B 322 -1.16 -1.34 -5.45
CA VAL B 322 -0.85 -0.46 -6.55
C VAL B 322 -1.31 0.95 -6.20
N LEU B 323 -2.56 1.08 -5.71
CA LEU B 323 -3.17 2.38 -5.44
C LEU B 323 -3.09 2.74 -3.96
N GLN B 324 -2.05 2.28 -3.27
CA GLN B 324 -1.76 2.76 -1.93
C GLN B 324 -1.72 4.28 -1.91
N ALA B 325 -2.31 4.85 -0.85
CA ALA B 325 -2.46 6.28 -0.72
C ALA B 325 -1.11 6.95 -0.60
N VAL B 326 -1.05 8.17 -1.13
CA VAL B 326 0.19 8.89 -1.21
C VAL B 326 -0.04 10.16 -0.41
N THR B 327 0.79 10.30 0.62
CA THR B 327 0.76 11.44 1.51
C THR B 327 1.86 12.39 1.06
N ASP B 328 1.84 13.60 1.62
CA ASP B 328 2.88 14.57 1.36
C ASP B 328 4.18 14.14 2.05
N HIS B 329 4.07 13.20 3.02
CA HIS B 329 5.21 12.58 3.69
C HIS B 329 6.01 11.63 2.79
N ASP B 330 5.39 11.10 1.72
CA ASP B 330 6.05 10.15 0.84
C ASP B 330 7.19 10.79 0.04
N ILE B 331 7.21 12.13 -0.04
CA ILE B 331 8.21 12.85 -0.80
C ILE B 331 9.34 13.31 0.12
N PRO B 332 10.58 12.80 -0.07
CA PRO B 332 11.74 13.28 0.68
C PRO B 332 11.82 14.80 0.66
N GLN B 333 12.05 15.40 1.82
CA GLN B 333 12.13 16.84 1.92
C GLN B 333 13.29 17.36 1.07
N GLN B 334 14.38 16.58 0.94
CA GLN B 334 15.51 17.01 0.12
C GLN B 334 15.06 17.33 -1.30
N LEU B 335 14.23 16.45 -1.87
CA LEU B 335 13.59 16.68 -3.17
C LEU B 335 12.67 17.89 -3.13
N VAL B 336 11.80 17.94 -2.13
CA VAL B 336 10.85 19.03 -2.00
C VAL B 336 11.62 20.35 -2.16
N GLU B 337 12.55 20.62 -1.25
CA GLU B 337 13.32 21.86 -1.26
C GLU B 337 13.83 22.18 -2.67
N ARG B 338 14.51 21.21 -3.29
CA ARG B 338 15.05 21.42 -4.63
C ARG B 338 13.98 22.01 -5.56
N LEU B 339 12.77 21.45 -5.50
CA LEU B 339 11.70 21.88 -6.38
C LEU B 339 11.12 23.22 -5.94
N GLN B 340 10.96 23.40 -4.62
CA GLN B 340 10.55 24.67 -4.02
C GLN B 340 11.44 25.80 -4.54
N GLU B 341 12.74 25.68 -4.26
CA GLU B 341 13.72 26.65 -4.74
C GLU B 341 13.54 26.87 -6.25
N GLU B 342 13.37 25.78 -7.00
CA GLU B 342 13.25 25.85 -8.43
C GLU B 342 12.09 26.77 -8.83
N LYS B 343 10.91 26.53 -8.25
CA LYS B 343 9.72 27.34 -8.49
C LYS B 343 9.98 28.83 -8.27
N ARG B 344 10.40 29.17 -7.06
CA ARG B 344 10.79 30.53 -6.70
C ARG B 344 11.56 31.19 -7.83
N ILE B 345 12.57 30.50 -8.36
CA ILE B 345 13.43 31.03 -9.42
C ILE B 345 12.55 31.60 -10.55
N GLU B 346 11.32 31.09 -10.68
CA GLU B 346 10.41 31.54 -11.71
C GLU B 346 9.83 32.91 -11.37
N ALA B 347 10.74 33.86 -11.11
CA ALA B 347 10.43 35.29 -11.11
C ALA B 347 10.79 35.81 -12.51
#